data_1F73
#
_entry.id   1F73
#
_cell.length_a   81.549
_cell.length_b   116.727
_cell.length_c   129.515
_cell.angle_alpha   90.00
_cell.angle_beta   90.00
_cell.angle_gamma   90.00
#
_symmetry.space_group_name_H-M   'P 21 21 21'
#
loop_
_entity.id
_entity.type
_entity.pdbx_description
1 polymer 'N-ACETYL NEURAMINATE LYASE'
2 non-polymer '2,4,6,7,8,9-HEXAHYDROXY-5-METHYLCARBOXAMIDO NONANOIC ACID'
3 non-polymer GLYCEROL
4 water water
#
_entity_poly.entity_id   1
_entity_poly.type   'polypeptide(L)'
_entity_poly.pdbx_seq_one_letter_code
;MRDLKGIFSALLVSFNEDGTINEKGLRQIIRHNIDKMKVDGLYVGGSTGENFMLSTEEKKEIFRIAKDEAKDQIALIAQV
GSVNLKEAVELGKYATELGYDCLSAVTPFYYKFSFPEIKHYYDTIIAETGSNMIVYSIPFLTGVNMGIEQFGELYKNPKV
LGVKFTAGDFYLLERLKKAYPNHLIWAGFDEMMLPAASLGVDGAIGSTFNVNGVRARQIFELTKAGKLKEALEIQHVTND
LIEGILANGLYLTIKELLKLEGVDAGYCREPMTSKATAEQVAKAKDLKAKFLS
;
_entity_poly.pdbx_strand_id   A,B,C,D
#
# COMPACT_ATOMS: atom_id res chain seq x y z
N MET A 1 -38.65 -9.09 -3.56
CA MET A 1 -39.61 -9.60 -4.57
C MET A 1 -39.31 -8.99 -5.93
N ARG A 2 -39.46 -7.69 -6.00
CA ARG A 2 -39.21 -6.85 -7.17
C ARG A 2 -37.84 -7.02 -7.79
N ASP A 3 -37.72 -6.89 -9.10
CA ASP A 3 -36.47 -7.03 -9.83
C ASP A 3 -35.45 -5.97 -9.41
N LEU A 4 -34.23 -6.40 -9.10
CA LEU A 4 -33.18 -5.48 -8.66
C LEU A 4 -32.10 -5.29 -9.71
N LYS A 5 -32.28 -5.81 -10.92
CA LYS A 5 -31.29 -5.66 -11.97
C LYS A 5 -31.27 -4.26 -12.56
N GLY A 6 -30.24 -3.94 -13.32
CA GLY A 6 -30.22 -2.67 -14.03
C GLY A 6 -29.53 -1.48 -13.39
N ILE A 7 -30.07 -0.29 -13.69
CA ILE A 7 -29.44 0.96 -13.29
C ILE A 7 -30.00 1.55 -12.00
N PHE A 8 -29.14 1.66 -10.97
CA PHE A 8 -29.54 2.23 -9.69
C PHE A 8 -28.68 3.47 -9.47
N SER A 9 -29.34 4.59 -9.20
CA SER A 9 -28.60 5.78 -8.86
C SER A 9 -28.36 5.70 -7.34
N ALA A 10 -27.17 6.05 -6.92
CA ALA A 10 -26.81 6.19 -5.50
C ALA A 10 -27.32 7.59 -5.16
N LEU A 11 -28.46 7.67 -4.52
CA LEU A 11 -29.13 8.90 -4.21
C LEU A 11 -28.33 9.95 -3.43
N LEU A 12 -28.22 11.12 -4.07
CA LEU A 12 -27.60 12.28 -3.45
C LEU A 12 -28.69 12.98 -2.63
N VAL A 13 -28.27 13.69 -1.62
CA VAL A 13 -29.22 14.34 -0.70
C VAL A 13 -28.98 15.84 -0.70
N SER A 14 -30.07 16.60 -0.65
CA SER A 14 -29.97 18.04 -0.56
C SER A 14 -29.90 18.56 0.86
N PHE A 15 -28.91 19.36 1.21
CA PHE A 15 -28.81 19.91 2.54
C PHE A 15 -28.92 21.44 2.50
N ASN A 16 -29.45 22.03 3.56
CA ASN A 16 -29.48 23.48 3.71
C ASN A 16 -28.10 23.94 4.13
N GLU A 17 -27.88 25.24 4.24
CA GLU A 17 -26.59 25.77 4.63
C GLU A 17 -26.17 25.33 6.05
N ASP A 18 -27.11 25.13 6.94
CA ASP A 18 -26.72 24.75 8.30
C ASP A 18 -26.60 23.23 8.43
N GLY A 19 -26.62 22.47 7.34
CA GLY A 19 -26.48 21.04 7.41
C GLY A 19 -27.70 20.20 7.59
N THR A 20 -28.86 20.79 7.82
CA THR A 20 -30.10 20.05 7.93
C THR A 20 -30.58 19.65 6.54
N ILE A 21 -31.41 18.62 6.51
CA ILE A 21 -31.95 18.11 5.27
C ILE A 21 -32.93 19.11 4.65
N ASN A 22 -32.74 19.37 3.36
CA ASN A 22 -33.68 20.16 2.55
C ASN A 22 -34.61 19.16 1.88
N GLU A 23 -35.75 18.90 2.50
CA GLU A 23 -36.68 17.90 2.02
C GLU A 23 -37.21 18.20 0.61
N LYS A 24 -37.54 19.46 0.40
CA LYS A 24 -38.04 19.83 -0.94
C LYS A 24 -36.91 19.53 -1.92
N GLY A 25 -35.69 19.99 -1.63
CA GLY A 25 -34.59 19.67 -2.54
C GLY A 25 -34.46 18.16 -2.78
N LEU A 26 -34.47 17.34 -1.72
CA LEU A 26 -34.32 15.90 -1.89
C LEU A 26 -35.36 15.27 -2.80
N ARG A 27 -36.63 15.64 -2.62
CA ARG A 27 -37.73 15.13 -3.42
C ARG A 27 -37.55 15.49 -4.89
N GLN A 28 -36.98 16.64 -5.18
CA GLN A 28 -36.67 17.02 -6.55
C GLN A 28 -35.58 16.13 -7.12
N ILE A 29 -34.54 15.80 -6.32
CA ILE A 29 -33.50 14.88 -6.82
C ILE A 29 -34.11 13.55 -7.18
N ILE A 30 -35.03 13.07 -6.32
CA ILE A 30 -35.70 11.81 -6.53
C ILE A 30 -36.53 11.81 -7.81
N ARG A 31 -37.24 12.91 -8.03
CA ARG A 31 -38.02 13.14 -9.24
C ARG A 31 -37.13 13.19 -10.48
N HIS A 32 -36.01 13.90 -10.45
CA HIS A 32 -35.11 13.92 -11.60
C HIS A 32 -34.67 12.50 -11.95
N ASN A 33 -34.33 11.70 -10.93
CA ASN A 33 -33.84 10.37 -11.18
C ASN A 33 -34.94 9.49 -11.80
N ILE A 34 -36.12 9.47 -11.24
CA ILE A 34 -37.16 8.57 -11.75
C ILE A 34 -37.72 8.95 -13.10
N ASP A 35 -38.04 10.20 -13.31
CA ASP A 35 -38.69 10.73 -14.51
C ASP A 35 -37.72 11.08 -15.61
N LYS A 36 -36.56 11.69 -15.34
CA LYS A 36 -35.64 12.04 -16.42
C LYS A 36 -34.52 11.04 -16.64
N MET A 37 -33.85 10.61 -15.55
CA MET A 37 -32.75 9.65 -15.68
C MET A 37 -33.33 8.26 -15.96
N LYS A 38 -34.61 8.01 -15.67
CA LYS A 38 -35.25 6.75 -15.96
C LYS A 38 -34.52 5.53 -15.40
N VAL A 39 -34.06 5.65 -14.16
CA VAL A 39 -33.34 4.61 -13.45
C VAL A 39 -34.28 3.46 -13.16
N ASP A 40 -33.69 2.27 -12.99
CA ASP A 40 -34.54 1.17 -12.52
C ASP A 40 -34.78 1.32 -11.03
N GLY A 41 -33.93 2.04 -10.29
CA GLY A 41 -34.07 2.17 -8.88
C GLY A 41 -33.09 3.15 -8.23
N LEU A 42 -33.26 3.28 -6.92
CA LEU A 42 -32.38 4.13 -6.13
C LEU A 42 -31.73 3.30 -5.00
N TYR A 43 -30.50 3.65 -4.71
CA TYR A 43 -29.70 3.05 -3.62
C TYR A 43 -29.57 4.19 -2.63
N VAL A 44 -30.36 4.14 -1.58
CA VAL A 44 -30.49 5.20 -0.61
C VAL A 44 -29.64 4.98 0.67
N GLY A 45 -28.99 6.06 1.08
CA GLY A 45 -28.18 6.02 2.31
C GLY A 45 -26.78 5.49 2.06
N GLY A 46 -26.40 5.45 0.79
CA GLY A 46 -25.08 4.98 0.42
C GLY A 46 -24.08 6.11 0.71
N SER A 47 -22.81 5.90 0.41
CA SER A 47 -21.84 6.95 0.65
C SER A 47 -22.14 8.16 -0.25
N THR A 48 -22.80 7.95 -1.39
CA THR A 48 -23.11 9.11 -2.26
C THR A 48 -24.09 10.06 -1.59
N GLY A 49 -24.91 9.53 -0.68
CA GLY A 49 -25.87 10.23 0.11
C GLY A 49 -25.31 10.99 1.29
N GLU A 50 -23.98 10.99 1.44
CA GLU A 50 -23.32 11.70 2.55
C GLU A 50 -23.78 11.06 3.89
N ASN A 51 -24.09 9.74 3.78
CA ASN A 51 -24.65 8.98 4.87
C ASN A 51 -23.85 8.97 6.16
N PHE A 52 -22.55 8.74 6.06
CA PHE A 52 -21.72 8.54 7.25
C PHE A 52 -21.41 9.80 8.02
N MET A 53 -21.84 10.99 7.56
CA MET A 53 -21.67 12.21 8.33
C MET A 53 -22.96 12.62 9.06
N LEU A 54 -23.99 11.80 9.02
CA LEU A 54 -25.29 12.12 9.59
C LEU A 54 -25.69 11.32 10.81
N SER A 55 -26.71 11.85 11.51
CA SER A 55 -27.23 11.12 12.67
C SER A 55 -28.13 9.99 12.24
N THR A 56 -28.43 9.08 13.16
CA THR A 56 -29.35 7.97 12.92
C THR A 56 -30.74 8.49 12.55
N GLU A 57 -31.24 9.51 13.23
CA GLU A 57 -32.50 10.15 12.97
C GLU A 57 -32.53 10.80 11.58
N GLU A 58 -31.44 11.46 11.20
CA GLU A 58 -31.37 12.07 9.87
C GLU A 58 -31.37 10.98 8.81
N LYS A 59 -30.74 9.82 9.08
CA LYS A 59 -30.73 8.73 8.11
C LYS A 59 -32.14 8.18 7.93
N LYS A 60 -32.87 8.10 9.04
CA LYS A 60 -34.25 7.67 9.01
C LYS A 60 -35.13 8.67 8.23
N GLU A 61 -34.91 9.97 8.36
CA GLU A 61 -35.79 10.91 7.63
C GLU A 61 -35.55 10.85 6.15
N ILE A 62 -34.29 10.61 5.75
CA ILE A 62 -34.01 10.39 4.34
C ILE A 62 -34.69 9.13 3.83
N PHE A 63 -34.72 8.04 4.62
CA PHE A 63 -35.39 6.83 4.15
C PHE A 63 -36.92 7.10 4.13
N ARG A 64 -37.44 7.88 5.04
CA ARG A 64 -38.89 8.11 4.98
C ARG A 64 -39.22 8.97 3.75
N ILE A 65 -38.52 10.06 3.56
CA ILE A 65 -38.76 10.90 2.39
C ILE A 65 -38.61 10.12 1.09
N ALA A 66 -37.49 9.41 0.85
CA ALA A 66 -37.34 8.73 -0.44
C ALA A 66 -38.47 7.73 -0.72
N LYS A 67 -38.89 6.99 0.31
CA LYS A 67 -39.93 5.99 0.09
C LYS A 67 -41.29 6.68 -0.12
N ASP A 68 -41.50 7.81 0.54
CA ASP A 68 -42.76 8.53 0.35
C ASP A 68 -42.77 9.20 -1.02
N GLU A 69 -41.62 9.61 -1.58
CA GLU A 69 -41.58 10.26 -2.87
C GLU A 69 -41.63 9.27 -4.02
N ALA A 70 -40.85 8.20 -3.95
CA ALA A 70 -40.77 7.21 -5.01
C ALA A 70 -41.95 6.25 -5.04
N LYS A 71 -42.60 6.07 -3.90
CA LYS A 71 -43.72 5.13 -3.78
C LYS A 71 -43.39 3.76 -4.33
N ASP A 72 -44.10 3.25 -5.32
CA ASP A 72 -43.82 1.93 -5.86
C ASP A 72 -43.42 2.02 -7.33
N GLN A 73 -43.02 3.24 -7.71
CA GLN A 73 -42.63 3.52 -9.07
C GLN A 73 -41.33 2.86 -9.44
N ILE A 74 -40.38 2.72 -8.52
CA ILE A 74 -39.07 2.14 -8.81
C ILE A 74 -38.59 1.21 -7.67
N ALA A 75 -37.62 0.33 -7.90
CA ALA A 75 -37.09 -0.48 -6.80
C ALA A 75 -36.27 0.41 -5.89
N LEU A 76 -36.23 0.10 -4.59
CA LEU A 76 -35.50 0.90 -3.61
C LEU A 76 -34.59 -0.01 -2.76
N ILE A 77 -33.35 0.37 -2.62
CA ILE A 77 -32.37 -0.39 -1.80
C ILE A 77 -31.91 0.55 -0.71
N ALA A 78 -31.98 0.12 0.55
CA ALA A 78 -31.58 0.94 1.68
C ALA A 78 -30.22 0.51 2.23
N GLN A 79 -29.21 1.38 2.12
CA GLN A 79 -27.89 1.09 2.69
C GLN A 79 -27.94 1.41 4.16
N VAL A 80 -27.76 0.40 5.03
CA VAL A 80 -27.90 0.63 6.46
C VAL A 80 -26.67 0.22 7.30
N GLY A 81 -25.57 -0.10 6.63
CA GLY A 81 -24.39 -0.47 7.40
C GLY A 81 -23.79 0.64 8.25
N SER A 82 -23.02 0.20 9.26
CA SER A 82 -22.39 1.11 10.21
C SER A 82 -21.29 0.40 10.99
N VAL A 83 -20.54 1.13 11.82
CA VAL A 83 -19.53 0.46 12.64
C VAL A 83 -20.30 -0.05 13.86
N ASN A 84 -21.44 0.56 14.11
CA ASN A 84 -22.39 0.28 15.17
C ASN A 84 -23.45 -0.68 14.64
N LEU A 85 -23.31 -1.95 15.00
CA LEU A 85 -24.25 -2.98 14.59
C LEU A 85 -25.64 -2.73 15.15
N LYS A 86 -25.79 -2.15 16.33
CA LYS A 86 -27.10 -1.82 16.86
C LYS A 86 -27.78 -0.77 15.99
N GLU A 87 -26.97 0.14 15.46
CA GLU A 87 -27.48 1.17 14.55
C GLU A 87 -27.90 0.52 13.24
N ALA A 88 -27.08 -0.34 12.67
CA ALA A 88 -27.36 -1.03 11.44
C ALA A 88 -28.68 -1.81 11.55
N VAL A 89 -28.91 -2.47 12.69
CA VAL A 89 -30.09 -3.26 12.95
C VAL A 89 -31.28 -2.31 13.03
N GLU A 90 -31.11 -1.20 13.71
CA GLU A 90 -32.17 -0.22 13.86
C GLU A 90 -32.62 0.32 12.50
N LEU A 91 -31.64 0.67 11.67
CA LEU A 91 -31.95 1.23 10.34
C LEU A 91 -32.57 0.17 9.44
N GLY A 92 -31.94 -1.03 9.54
CA GLY A 92 -32.43 -2.16 8.72
C GLY A 92 -33.90 -2.41 9.01
N LYS A 93 -34.22 -2.43 10.29
CA LYS A 93 -35.60 -2.67 10.73
C LYS A 93 -36.52 -1.55 10.19
N TYR A 94 -36.13 -0.30 10.37
CA TYR A 94 -36.89 0.85 9.87
C TYR A 94 -37.07 0.75 8.35
N ALA A 95 -36.00 0.58 7.58
CA ALA A 95 -36.11 0.45 6.13
C ALA A 95 -37.02 -0.73 5.75
N THR A 96 -36.87 -1.84 6.48
CA THR A 96 -37.74 -2.99 6.27
C THR A 96 -39.19 -2.55 6.56
N GLU A 97 -39.51 -1.86 7.62
CA GLU A 97 -40.85 -1.40 7.96
C GLU A 97 -41.42 -0.31 7.04
N LEU A 98 -40.57 0.42 6.33
CA LEU A 98 -40.98 1.41 5.36
C LEU A 98 -41.31 0.75 4.02
N GLY A 99 -40.89 -0.48 3.76
CA GLY A 99 -41.11 -1.16 2.53
C GLY A 99 -40.00 -1.26 1.50
N TYR A 100 -38.76 -0.88 1.88
CA TYR A 100 -37.67 -1.05 0.91
C TYR A 100 -37.63 -2.47 0.41
N ASP A 101 -37.30 -2.66 -0.86
CA ASP A 101 -37.20 -3.94 -1.50
C ASP A 101 -36.01 -4.77 -1.02
N CYS A 102 -34.93 -4.07 -0.62
CA CYS A 102 -33.75 -4.86 -0.21
C CYS A 102 -32.82 -4.01 0.64
N LEU A 103 -31.95 -4.62 1.47
CA LEU A 103 -31.01 -3.82 2.26
C LEU A 103 -29.61 -4.00 1.67
N SER A 104 -28.69 -3.13 2.08
CA SER A 104 -27.30 -3.26 1.68
C SER A 104 -26.49 -2.81 2.90
N ALA A 105 -25.27 -3.29 3.14
CA ALA A 105 -24.59 -2.80 4.34
C ALA A 105 -23.10 -2.84 4.11
N VAL A 106 -22.40 -1.71 4.38
CA VAL A 106 -20.95 -1.74 4.19
C VAL A 106 -20.35 -2.69 5.23
N THR A 107 -19.22 -3.33 5.02
CA THR A 107 -18.58 -4.11 6.08
C THR A 107 -18.15 -3.09 7.13
N PRO A 108 -18.25 -3.41 8.40
CA PRO A 108 -17.94 -2.46 9.47
C PRO A 108 -16.51 -1.98 9.32
N PHE A 109 -16.30 -0.67 9.46
CA PHE A 109 -14.97 -0.13 9.20
C PHE A 109 -14.34 0.43 10.47
N TYR A 110 -13.29 1.22 10.34
CA TYR A 110 -12.51 1.82 11.41
C TYR A 110 -11.56 0.72 11.91
N TYR A 111 -12.06 -0.16 12.75
CA TYR A 111 -11.37 -1.34 13.23
C TYR A 111 -11.15 -2.36 12.12
N LYS A 112 -10.21 -3.27 12.37
CA LYS A 112 -9.90 -4.34 11.46
C LYS A 112 -10.78 -5.52 11.90
N PHE A 113 -11.93 -5.81 11.33
CA PHE A 113 -12.68 -6.99 11.81
C PHE A 113 -12.27 -8.21 11.04
N SER A 114 -12.47 -9.38 11.68
CA SER A 114 -12.17 -10.67 11.08
C SER A 114 -13.33 -11.10 10.17
N PHE A 115 -13.03 -12.00 9.26
CA PHE A 115 -14.08 -12.53 8.39
C PHE A 115 -15.26 -13.00 9.20
N PRO A 116 -15.11 -13.90 10.16
CA PRO A 116 -16.23 -14.37 10.96
C PRO A 116 -17.05 -13.33 11.66
N GLU A 117 -16.40 -12.22 12.09
CA GLU A 117 -17.11 -11.12 12.69
C GLU A 117 -17.94 -10.42 11.61
N ILE A 118 -17.39 -10.24 10.43
CA ILE A 118 -18.09 -9.61 9.31
C ILE A 118 -19.30 -10.46 8.88
N LYS A 119 -19.10 -11.78 8.78
CA LYS A 119 -20.25 -12.65 8.45
C LYS A 119 -21.29 -12.55 9.56
N HIS A 120 -20.87 -12.56 10.86
CA HIS A 120 -21.83 -12.43 11.93
C HIS A 120 -22.59 -11.11 11.87
N TYR A 121 -21.89 -10.06 11.42
CA TYR A 121 -22.54 -8.75 11.24
C TYR A 121 -23.64 -8.86 10.16
N TYR A 122 -23.36 -9.38 9.00
CA TYR A 122 -24.43 -9.46 7.97
C TYR A 122 -25.55 -10.36 8.45
N ASP A 123 -25.18 -11.54 8.98
CA ASP A 123 -26.18 -12.48 9.49
C ASP A 123 -27.08 -11.87 10.55
N THR A 124 -26.56 -11.03 11.44
CA THR A 124 -27.39 -10.38 12.46
C THR A 124 -28.39 -9.41 11.85
N ILE A 125 -27.90 -8.56 10.91
CA ILE A 125 -28.83 -7.60 10.30
C ILE A 125 -29.93 -8.40 9.55
N ILE A 126 -29.59 -9.47 8.89
CA ILE A 126 -30.62 -10.32 8.25
C ILE A 126 -31.58 -10.89 9.29
N ALA A 127 -31.02 -11.51 10.32
CA ALA A 127 -31.88 -12.16 11.34
C ALA A 127 -32.87 -11.23 12.00
N GLU A 128 -32.48 -9.96 12.18
CA GLU A 128 -33.32 -8.99 12.84
C GLU A 128 -34.36 -8.31 11.96
N THR A 129 -34.25 -8.47 10.65
CA THR A 129 -35.17 -7.79 9.74
C THR A 129 -35.92 -8.75 8.82
N GLY A 130 -35.26 -9.81 8.40
CA GLY A 130 -35.88 -10.73 7.46
C GLY A 130 -35.77 -10.14 6.05
N SER A 131 -34.90 -9.18 5.78
CA SER A 131 -34.76 -8.70 4.41
C SER A 131 -33.56 -9.28 3.68
N ASN A 132 -33.57 -9.18 2.35
CA ASN A 132 -32.48 -9.61 1.51
C ASN A 132 -31.34 -8.58 1.67
N MET A 133 -30.12 -9.00 1.37
CA MET A 133 -28.96 -8.14 1.66
C MET A 133 -27.95 -8.15 0.55
N ILE A 134 -27.41 -6.95 0.27
CA ILE A 134 -26.40 -6.77 -0.75
C ILE A 134 -25.12 -6.33 0.02
N VAL A 135 -24.07 -7.08 -0.08
CA VAL A 135 -22.87 -6.73 0.68
C VAL A 135 -21.95 -5.80 -0.11
N TYR A 136 -21.02 -5.20 0.65
CA TYR A 136 -20.00 -4.38 0.04
C TYR A 136 -18.97 -3.95 1.09
N SER A 137 -17.78 -3.62 0.58
CA SER A 137 -16.79 -3.13 1.55
C SER A 137 -16.03 -1.94 0.98
N ILE A 138 -15.46 -1.13 1.86
CA ILE A 138 -14.62 -0.01 1.42
C ILE A 138 -13.18 -0.46 1.45
N PRO A 139 -12.33 0.23 0.70
CA PRO A 139 -10.92 -0.11 0.59
C PRO A 139 -10.08 0.24 1.82
N ASN A 145 -9.40 -7.78 -0.21
CA ASN A 145 -10.70 -7.36 -0.70
C ASN A 145 -11.88 -8.18 -0.20
N MET A 146 -11.69 -9.48 -0.07
CA MET A 146 -12.69 -10.48 0.27
C MET A 146 -12.61 -11.38 -0.99
N GLY A 147 -12.33 -12.66 -0.79
CA GLY A 147 -12.14 -13.56 -1.92
C GLY A 147 -13.31 -14.50 -2.16
N ILE A 148 -13.17 -15.37 -3.13
CA ILE A 148 -14.18 -16.33 -3.52
C ILE A 148 -14.64 -17.18 -2.35
N GLU A 149 -13.72 -17.75 -1.60
CA GLU A 149 -14.04 -18.57 -0.44
C GLU A 149 -14.97 -17.81 0.50
N GLN A 150 -14.60 -16.58 0.83
CA GLN A 150 -15.39 -15.77 1.76
C GLN A 150 -16.74 -15.43 1.17
N PHE A 151 -16.82 -15.12 -0.14
CA PHE A 151 -18.14 -14.84 -0.71
C PHE A 151 -19.01 -16.09 -0.57
N GLY A 152 -18.42 -17.26 -0.77
CA GLY A 152 -19.19 -18.51 -0.57
C GLY A 152 -19.69 -18.67 0.85
N GLU A 153 -18.87 -18.28 1.82
CA GLU A 153 -19.33 -18.33 3.22
C GLU A 153 -20.48 -17.37 3.45
N LEU A 154 -20.44 -16.13 2.97
CA LEU A 154 -21.57 -15.22 3.15
C LEU A 154 -22.83 -15.76 2.47
N TYR A 155 -22.64 -16.36 1.29
CA TYR A 155 -23.74 -16.86 0.47
C TYR A 155 -24.42 -18.11 1.02
N LYS A 156 -23.90 -18.71 2.10
CA LYS A 156 -24.60 -19.76 2.83
C LYS A 156 -25.87 -19.18 3.44
N ASN A 157 -25.94 -17.86 3.68
CA ASN A 157 -27.18 -17.24 4.12
C ASN A 157 -27.93 -16.92 2.81
N PRO A 158 -29.13 -17.50 2.64
CA PRO A 158 -29.95 -17.32 1.46
C PRO A 158 -30.49 -15.94 1.24
N LYS A 159 -30.48 -15.09 2.26
CA LYS A 159 -30.90 -13.71 2.13
C LYS A 159 -29.82 -12.81 1.54
N VAL A 160 -28.59 -13.27 1.36
CA VAL A 160 -27.52 -12.46 0.79
C VAL A 160 -27.64 -12.63 -0.73
N LEU A 161 -28.08 -11.60 -1.43
CA LEU A 161 -28.31 -11.73 -2.88
C LEU A 161 -27.06 -11.67 -3.74
N GLY A 162 -26.06 -10.90 -3.28
CA GLY A 162 -24.84 -10.74 -4.03
C GLY A 162 -24.04 -9.55 -3.48
N VAL A 163 -23.25 -8.93 -4.36
CA VAL A 163 -22.34 -7.90 -3.93
C VAL A 163 -22.31 -6.65 -4.82
N LYS A 164 -22.18 -5.50 -4.20
CA LYS A 164 -21.94 -4.26 -4.92
C LYS A 164 -20.40 -4.20 -5.05
N PHE A 165 -19.90 -4.52 -6.21
CA PHE A 165 -18.44 -4.62 -6.44
C PHE A 165 -17.84 -3.24 -6.63
N THR A 166 -16.88 -2.86 -5.76
CA THR A 166 -16.39 -1.49 -5.83
C THR A 166 -14.91 -1.40 -6.14
N ALA A 167 -14.22 -2.53 -6.14
CA ALA A 167 -12.77 -2.48 -6.33
C ALA A 167 -12.44 -2.91 -7.74
N GLY A 168 -11.59 -2.18 -8.44
CA GLY A 168 -11.22 -2.54 -9.79
C GLY A 168 -10.53 -3.85 -10.08
N ASP A 169 -10.87 -4.99 -9.49
CA ASP A 169 -10.25 -6.28 -9.76
C ASP A 169 -11.18 -7.11 -10.66
N PHE A 170 -10.85 -7.07 -11.95
CA PHE A 170 -11.63 -7.71 -13.01
C PHE A 170 -11.45 -9.22 -13.06
N TYR A 171 -10.32 -9.69 -12.55
CA TYR A 171 -10.07 -11.11 -12.39
C TYR A 171 -10.98 -11.63 -11.28
N LEU A 172 -10.97 -11.00 -10.09
CA LEU A 172 -11.90 -11.45 -9.05
C LEU A 172 -13.36 -11.36 -9.50
N LEU A 173 -13.71 -10.33 -10.27
CA LEU A 173 -15.08 -10.17 -10.75
C LEU A 173 -15.49 -11.33 -11.63
N GLU A 174 -14.67 -11.79 -12.57
CA GLU A 174 -14.98 -12.98 -13.37
C GLU A 174 -15.05 -14.25 -12.51
N ARG A 175 -14.12 -14.39 -11.56
CA ARG A 175 -14.15 -15.58 -10.68
C ARG A 175 -15.44 -15.64 -9.88
N LEU A 176 -15.92 -14.52 -9.37
CA LEU A 176 -17.13 -14.48 -8.56
C LEU A 176 -18.36 -14.93 -9.34
N LYS A 177 -18.47 -14.26 -10.52
CA LYS A 177 -19.62 -14.55 -11.40
C LYS A 177 -19.54 -16.00 -11.81
N LYS A 178 -18.33 -16.50 -12.10
CA LYS A 178 -18.19 -17.90 -12.48
C LYS A 178 -18.52 -18.82 -11.31
N ALA A 179 -17.99 -18.56 -10.13
CA ALA A 179 -18.23 -19.49 -9.01
C ALA A 179 -19.68 -19.52 -8.57
N TYR A 180 -20.37 -18.39 -8.53
CA TYR A 180 -21.74 -18.20 -8.07
C TYR A 180 -22.60 -17.57 -9.16
N PRO A 181 -22.91 -18.34 -10.18
CA PRO A 181 -23.64 -17.82 -11.35
C PRO A 181 -25.02 -17.29 -11.02
N ASN A 182 -25.66 -17.76 -9.93
CA ASN A 182 -26.98 -17.27 -9.59
C ASN A 182 -26.95 -16.11 -8.60
N HIS A 183 -25.76 -15.73 -8.11
CA HIS A 183 -25.74 -14.55 -7.21
C HIS A 183 -25.48 -13.32 -8.07
N LEU A 184 -26.01 -12.19 -7.68
CA LEU A 184 -25.97 -10.95 -8.45
C LEU A 184 -24.73 -10.09 -8.17
N ILE A 185 -24.30 -9.34 -9.19
CA ILE A 185 -23.16 -8.44 -9.01
C ILE A 185 -23.57 -7.05 -9.53
N TRP A 186 -23.41 -6.02 -8.70
CA TRP A 186 -23.71 -4.66 -9.17
C TRP A 186 -22.36 -3.94 -9.30
N ALA A 187 -22.02 -3.37 -10.47
CA ALA A 187 -20.72 -2.67 -10.58
C ALA A 187 -20.88 -1.34 -9.87
N GLY A 188 -19.89 -0.95 -9.09
CA GLY A 188 -19.97 0.31 -8.36
C GLY A 188 -19.19 1.41 -9.07
N PHE A 189 -18.41 1.11 -10.08
CA PHE A 189 -17.53 2.04 -10.77
C PHE A 189 -18.08 2.50 -12.12
N ASP A 190 -18.68 3.67 -12.16
CA ASP A 190 -19.38 4.19 -13.33
C ASP A 190 -18.49 4.26 -14.55
N GLU A 191 -17.24 4.68 -14.37
CA GLU A 191 -16.24 4.85 -15.41
C GLU A 191 -15.70 3.53 -15.91
N MET A 192 -16.08 2.39 -15.29
CA MET A 192 -15.67 1.08 -15.80
C MET A 192 -16.90 0.19 -16.02
N MET A 193 -18.02 0.79 -16.39
CA MET A 193 -19.26 0.05 -16.63
C MET A 193 -19.14 -0.94 -17.75
N LEU A 194 -18.57 -0.48 -18.87
CA LEU A 194 -18.44 -1.37 -20.04
C LEU A 194 -17.70 -2.65 -19.74
N PRO A 195 -16.45 -2.65 -19.32
CA PRO A 195 -15.74 -3.90 -19.01
C PRO A 195 -16.43 -4.73 -17.93
N ALA A 196 -17.09 -4.15 -16.95
CA ALA A 196 -17.85 -4.88 -15.96
C ALA A 196 -19.06 -5.59 -16.60
N ALA A 197 -19.73 -4.86 -17.52
CA ALA A 197 -20.89 -5.47 -18.20
C ALA A 197 -20.48 -6.55 -19.20
N SER A 198 -19.27 -6.50 -19.72
CA SER A 198 -18.68 -7.48 -20.60
C SER A 198 -18.44 -8.78 -19.82
N LEU A 199 -18.25 -8.72 -18.51
CA LEU A 199 -18.12 -9.94 -17.71
C LEU A 199 -19.42 -10.39 -17.04
N GLY A 200 -20.58 -9.91 -17.50
CA GLY A 200 -21.86 -10.28 -16.99
C GLY A 200 -22.40 -9.66 -15.74
N VAL A 201 -21.96 -8.51 -15.21
CA VAL A 201 -22.58 -7.92 -14.04
C VAL A 201 -24.08 -7.72 -14.33
N ASP A 202 -24.91 -7.75 -13.32
CA ASP A 202 -26.34 -7.66 -13.41
C ASP A 202 -26.91 -6.26 -13.36
N GLY A 203 -26.07 -5.28 -12.99
CA GLY A 203 -26.55 -3.91 -12.87
C GLY A 203 -25.38 -3.04 -12.36
N ALA A 204 -25.73 -1.82 -12.03
CA ALA A 204 -24.77 -0.83 -11.56
C ALA A 204 -25.40 0.10 -10.55
N ILE A 205 -24.60 0.45 -9.54
CA ILE A 205 -25.04 1.41 -8.51
C ILE A 205 -24.05 2.57 -8.61
N GLY A 206 -24.48 3.80 -8.91
CA GLY A 206 -23.43 4.81 -9.16
C GLY A 206 -23.90 6.22 -8.93
N SER A 207 -22.96 7.10 -8.54
CA SER A 207 -23.35 8.47 -8.26
C SER A 207 -23.61 9.27 -9.55
N THR A 208 -22.89 8.99 -10.61
CA THR A 208 -23.05 9.81 -11.84
C THR A 208 -24.34 9.55 -12.61
N PHE A 209 -25.09 8.50 -12.27
CA PHE A 209 -26.40 8.22 -12.84
C PHE A 209 -27.43 9.29 -12.44
N ASN A 210 -27.18 10.08 -11.40
CA ASN A 210 -28.05 11.17 -11.00
C ASN A 210 -28.10 12.26 -12.11
N VAL A 211 -27.11 12.37 -12.95
CA VAL A 211 -27.09 13.33 -14.05
C VAL A 211 -26.81 12.72 -15.42
N ASN A 212 -26.28 11.51 -15.50
CA ASN A 212 -25.87 10.87 -16.74
C ASN A 212 -26.52 9.51 -16.95
N GLY A 213 -27.65 9.36 -16.30
CA GLY A 213 -28.50 8.21 -16.31
C GLY A 213 -28.86 7.66 -17.68
N VAL A 214 -29.15 8.55 -18.62
CA VAL A 214 -29.44 8.14 -19.99
C VAL A 214 -28.30 7.43 -20.68
N ARG A 215 -27.10 8.01 -20.75
CA ARG A 215 -25.96 7.34 -21.31
C ARG A 215 -25.65 6.10 -20.46
N ALA A 216 -25.87 6.02 -19.17
CA ALA A 216 -25.47 4.82 -18.41
C ALA A 216 -26.24 3.59 -18.85
N ARG A 217 -27.57 3.70 -19.02
CA ARG A 217 -28.35 2.57 -19.53
C ARG A 217 -27.92 2.15 -20.90
N GLN A 218 -27.54 3.13 -21.73
CA GLN A 218 -27.10 2.84 -23.09
C GLN A 218 -25.89 1.93 -23.05
N ILE A 219 -24.84 2.40 -22.38
CA ILE A 219 -23.62 1.61 -22.25
C ILE A 219 -23.97 0.17 -21.83
N PHE A 220 -24.65 0.03 -20.72
CA PHE A 220 -25.09 -1.22 -20.15
C PHE A 220 -25.88 -2.07 -21.14
N GLU A 221 -27.02 -1.53 -21.61
CA GLU A 221 -27.83 -2.30 -22.57
C GLU A 221 -27.11 -2.61 -23.86
N LEU A 222 -26.34 -1.72 -24.48
CA LEU A 222 -25.58 -2.03 -25.68
C LEU A 222 -24.53 -3.11 -25.42
N THR A 223 -23.89 -3.06 -24.24
CA THR A 223 -22.85 -4.04 -23.90
C THR A 223 -23.44 -5.40 -23.58
N LYS A 224 -24.66 -5.51 -23.06
CA LYS A 224 -25.22 -6.85 -22.83
C LYS A 224 -25.77 -7.35 -24.18
N ALA A 225 -25.88 -6.46 -25.17
CA ALA A 225 -26.34 -6.74 -26.51
C ALA A 225 -25.24 -7.05 -27.51
N GLY A 226 -23.97 -6.98 -27.12
CA GLY A 226 -22.85 -7.23 -28.00
C GLY A 226 -22.55 -6.09 -28.95
N LYS A 227 -23.10 -4.89 -28.69
CA LYS A 227 -22.76 -3.76 -29.58
C LYS A 227 -21.64 -2.97 -28.90
N LEU A 228 -20.48 -3.60 -28.79
CA LEU A 228 -19.33 -3.05 -28.09
C LEU A 228 -18.75 -1.79 -28.70
N LYS A 229 -18.79 -1.63 -30.02
CA LYS A 229 -18.23 -0.43 -30.63
C LYS A 229 -19.08 0.79 -30.23
N GLU A 230 -20.40 0.62 -30.32
CA GLU A 230 -21.28 1.70 -29.89
C GLU A 230 -21.12 1.97 -28.40
N ALA A 231 -21.10 0.92 -27.57
CA ALA A 231 -21.01 1.13 -26.12
C ALA A 231 -19.74 1.91 -25.73
N LEU A 232 -18.64 1.53 -26.37
CA LEU A 232 -17.33 2.12 -26.13
C LEU A 232 -17.37 3.61 -26.38
N GLU A 233 -18.00 4.04 -27.48
CA GLU A 233 -18.11 5.45 -27.78
C GLU A 233 -18.86 6.20 -26.70
N ILE A 234 -19.97 5.63 -26.24
CA ILE A 234 -20.77 6.28 -25.21
C ILE A 234 -20.06 6.31 -23.86
N GLN A 235 -19.24 5.31 -23.59
CA GLN A 235 -18.41 5.21 -22.40
C GLN A 235 -17.28 6.24 -22.48
N HIS A 236 -16.79 6.56 -23.68
CA HIS A 236 -15.74 7.56 -23.85
C HIS A 236 -16.27 8.95 -23.48
N VAL A 237 -17.46 9.31 -23.97
CA VAL A 237 -18.03 10.62 -23.70
C VAL A 237 -18.35 10.69 -22.23
N THR A 238 -18.89 9.57 -21.74
CA THR A 238 -19.21 9.45 -20.33
C THR A 238 -17.96 9.70 -19.48
N ASN A 239 -16.83 9.08 -19.92
CA ASN A 239 -15.64 9.22 -19.07
C ASN A 239 -14.99 10.59 -19.13
N ASP A 240 -15.26 11.32 -20.20
CA ASP A 240 -14.83 12.73 -20.31
C ASP A 240 -15.63 13.51 -19.26
N LEU A 241 -16.95 13.30 -19.17
CA LEU A 241 -17.79 13.91 -18.19
C LEU A 241 -17.32 13.54 -16.76
N ILE A 242 -17.20 12.22 -16.53
CA ILE A 242 -16.73 11.77 -15.20
C ILE A 242 -15.35 12.30 -14.83
N GLU A 243 -14.41 12.33 -15.77
CA GLU A 243 -13.08 12.91 -15.43
C GLU A 243 -13.22 14.37 -15.00
N GLY A 244 -14.09 15.13 -15.68
CA GLY A 244 -14.31 16.53 -15.39
C GLY A 244 -15.01 16.69 -14.04
N ILE A 245 -15.96 15.80 -13.75
CA ILE A 245 -16.63 15.77 -12.45
C ILE A 245 -15.63 15.49 -11.35
N LEU A 246 -14.76 14.48 -11.51
CA LEU A 246 -13.78 14.13 -10.52
C LEU A 246 -12.79 15.26 -10.22
N ALA A 247 -12.26 15.86 -11.29
CA ALA A 247 -11.31 16.96 -11.16
C ALA A 247 -11.94 18.15 -10.46
N ASN A 248 -13.19 18.47 -10.76
CA ASN A 248 -13.89 19.61 -10.19
C ASN A 248 -14.38 19.35 -8.78
N GLY A 249 -14.44 18.10 -8.30
CA GLY A 249 -15.00 17.80 -6.98
C GLY A 249 -16.34 17.07 -7.19
N LEU A 250 -16.30 15.74 -6.99
CA LEU A 250 -17.48 14.91 -7.28
C LEU A 250 -18.81 15.34 -6.72
N TYR A 251 -18.96 15.40 -5.38
CA TYR A 251 -20.25 15.68 -4.77
C TYR A 251 -20.81 17.04 -5.18
N LEU A 252 -20.04 18.09 -5.00
CA LEU A 252 -20.57 19.43 -5.35
C LEU A 252 -20.82 19.57 -6.85
N THR A 253 -19.97 18.99 -7.70
CA THR A 253 -20.18 19.06 -9.14
C THR A 253 -21.46 18.37 -9.58
N ILE A 254 -21.79 17.21 -9.02
CA ILE A 254 -23.05 16.57 -9.36
C ILE A 254 -24.24 17.42 -8.89
N LYS A 255 -24.15 18.05 -7.72
CA LYS A 255 -25.21 18.91 -7.22
C LYS A 255 -25.30 20.19 -8.06
N GLU A 256 -24.18 20.75 -8.49
CA GLU A 256 -24.27 21.92 -9.38
C GLU A 256 -24.93 21.56 -10.70
N LEU A 257 -24.65 20.37 -11.25
CA LEU A 257 -25.28 19.90 -12.49
C LEU A 257 -26.78 19.68 -12.34
N LEU A 258 -27.20 19.24 -11.15
CA LEU A 258 -28.61 19.01 -10.84
C LEU A 258 -29.28 20.37 -10.72
N LYS A 259 -28.58 21.33 -10.11
CA LYS A 259 -29.08 22.70 -10.02
C LYS A 259 -29.26 23.29 -11.44
N LEU A 260 -28.46 22.90 -12.40
CA LEU A 260 -28.58 23.39 -13.77
C LEU A 260 -29.76 22.82 -14.54
N GLU A 261 -30.42 21.77 -14.03
CA GLU A 261 -31.62 21.22 -14.62
C GLU A 261 -32.85 21.80 -13.91
N GLY A 262 -32.62 22.41 -12.76
CA GLY A 262 -33.70 23.00 -12.00
C GLY A 262 -33.94 22.29 -10.67
N VAL A 263 -33.03 21.40 -10.27
CA VAL A 263 -33.18 20.65 -9.02
C VAL A 263 -32.45 21.35 -7.89
N ASP A 264 -33.11 21.68 -6.80
CA ASP A 264 -32.50 22.35 -5.66
C ASP A 264 -31.71 21.27 -4.92
N ALA A 265 -30.50 20.99 -5.38
CA ALA A 265 -29.72 19.89 -4.78
C ALA A 265 -28.93 20.34 -3.59
N GLY A 266 -29.02 21.61 -3.19
CA GLY A 266 -28.46 22.19 -2.01
C GLY A 266 -26.95 22.23 -1.87
N TYR A 267 -26.53 22.20 -0.60
CA TYR A 267 -25.13 22.22 -0.22
C TYR A 267 -24.66 20.81 0.14
N CYS A 268 -23.38 20.63 0.41
CA CYS A 268 -22.89 19.34 0.91
C CYS A 268 -22.83 19.52 2.43
N ARG A 269 -22.85 18.44 3.16
CA ARG A 269 -22.83 18.42 4.62
C ARG A 269 -21.38 18.44 5.11
N GLU A 270 -21.08 19.36 6.01
CA GLU A 270 -19.81 19.43 6.70
C GLU A 270 -19.53 18.23 7.62
N PRO A 271 -18.44 17.56 7.40
CA PRO A 271 -17.14 18.12 7.24
C PRO A 271 -16.77 18.21 5.76
N MET A 272 -17.63 17.78 4.82
CA MET A 272 -17.21 18.03 3.41
C MET A 272 -17.41 19.55 3.19
N THR A 273 -16.68 20.11 2.23
CA THR A 273 -16.87 21.55 1.93
C THR A 273 -18.31 21.75 1.46
N SER A 274 -19.12 22.52 2.18
CA SER A 274 -20.53 22.59 1.86
C SER A 274 -20.91 23.40 0.62
N LYS A 275 -20.09 24.37 0.24
CA LYS A 275 -20.45 25.28 -0.85
C LYS A 275 -19.41 25.25 -1.96
N ALA A 276 -19.86 25.28 -3.21
CA ALA A 276 -18.92 25.27 -4.32
C ALA A 276 -18.37 26.69 -4.53
N THR A 277 -17.15 26.80 -4.98
CA THR A 277 -16.55 28.10 -5.30
C THR A 277 -17.14 28.55 -6.65
N ALA A 278 -16.74 29.75 -7.03
CA ALA A 278 -17.14 30.30 -8.33
C ALA A 278 -16.54 29.44 -9.44
N GLU A 279 -15.27 29.03 -9.34
CA GLU A 279 -14.69 28.19 -10.37
C GLU A 279 -15.41 26.85 -10.48
N GLN A 280 -15.77 26.24 -9.36
CA GLN A 280 -16.50 24.97 -9.41
C GLN A 280 -17.82 25.15 -10.14
N VAL A 281 -18.56 26.19 -9.82
CA VAL A 281 -19.83 26.47 -10.51
C VAL A 281 -19.62 26.69 -12.01
N ALA A 282 -18.58 27.42 -12.39
CA ALA A 282 -18.34 27.71 -13.81
C ALA A 282 -18.03 26.42 -14.55
N LYS A 283 -17.22 25.54 -13.92
CA LYS A 283 -16.84 24.26 -14.52
C LYS A 283 -18.05 23.36 -14.68
N ALA A 284 -18.98 23.39 -13.73
CA ALA A 284 -20.21 22.63 -13.81
C ALA A 284 -20.99 23.09 -15.04
N LYS A 285 -21.08 24.42 -15.20
CA LYS A 285 -21.78 24.99 -16.36
C LYS A 285 -21.15 24.53 -17.67
N ASP A 286 -19.82 24.53 -17.77
CA ASP A 286 -19.16 24.07 -18.97
C ASP A 286 -19.49 22.60 -19.21
N LEU A 287 -19.48 21.80 -18.13
CA LEU A 287 -19.86 20.39 -18.25
C LEU A 287 -21.34 20.39 -18.61
N LYS A 288 -22.23 21.23 -18.03
CA LYS A 288 -23.57 21.17 -18.57
C LYS A 288 -23.54 21.27 -20.11
N ALA A 289 -22.98 22.31 -20.67
CA ALA A 289 -22.99 22.57 -22.09
C ALA A 289 -22.44 21.45 -22.95
N LYS A 290 -21.24 20.99 -22.59
CA LYS A 290 -20.57 19.97 -23.35
C LYS A 290 -21.26 18.60 -23.37
N PHE A 291 -21.69 18.12 -22.19
CA PHE A 291 -22.18 16.74 -22.14
C PHE A 291 -23.62 16.52 -21.80
N LEU A 292 -24.37 17.43 -21.20
CA LEU A 292 -25.74 17.13 -20.82
C LEU A 292 -26.79 18.15 -21.30
N SER A 293 -26.56 18.68 -22.50
CA SER A 293 -27.53 19.62 -23.08
C SER A 293 -28.02 19.10 -24.41
N MET B 1 37.30 -12.98 12.22
CA MET B 1 37.45 -11.73 11.44
C MET B 1 37.41 -10.48 12.32
N ARG B 2 37.62 -9.36 11.67
CA ARG B 2 37.62 -8.02 12.17
C ARG B 2 36.32 -7.53 12.77
N ASP B 3 36.35 -6.63 13.76
CA ASP B 3 35.12 -6.14 14.37
C ASP B 3 34.28 -5.32 13.39
N LEU B 4 32.99 -5.64 13.29
CA LEU B 4 32.12 -4.96 12.32
C LEU B 4 31.07 -4.07 12.95
N LYS B 5 31.26 -3.75 14.23
CA LYS B 5 30.34 -2.84 14.89
C LYS B 5 30.63 -1.39 14.51
N GLY B 6 29.74 -0.45 14.79
CA GLY B 6 30.06 0.94 14.58
C GLY B 6 29.53 1.58 13.31
N ILE B 7 30.25 2.59 12.84
CA ILE B 7 29.90 3.50 11.77
C ILE B 7 30.51 3.19 10.41
N PHE B 8 29.59 2.88 9.48
CA PHE B 8 30.01 2.48 8.14
C PHE B 8 29.37 3.43 7.15
N SER B 9 30.18 4.13 6.37
CA SER B 9 29.62 4.91 5.28
C SER B 9 29.31 3.94 4.14
N ALA B 10 28.18 4.11 3.52
CA ALA B 10 27.79 3.36 2.29
C ALA B 10 28.43 4.20 1.17
N LEU B 11 29.51 3.66 0.64
CA LEU B 11 30.40 4.33 -0.25
C LEU B 11 29.75 4.83 -1.54
N LEU B 12 29.90 6.12 -1.80
CA LEU B 12 29.48 6.73 -3.06
C LEU B 12 30.64 6.48 -4.02
N VAL B 13 30.31 6.50 -5.31
CA VAL B 13 31.31 6.24 -6.35
C VAL B 13 31.33 7.49 -7.25
N SER B 14 32.51 7.89 -7.68
CA SER B 14 32.60 9.06 -8.57
C SER B 14 32.52 8.63 -10.03
N PHE B 15 31.61 9.27 -10.80
CA PHE B 15 31.54 8.88 -12.21
C PHE B 15 31.95 10.07 -13.12
N ASN B 16 32.43 9.62 -14.29
CA ASN B 16 32.76 10.63 -15.31
C ASN B 16 31.48 10.98 -16.04
N GLU B 17 31.54 12.00 -16.91
CA GLU B 17 30.38 12.46 -17.65
C GLU B 17 29.76 11.36 -18.51
N ASP B 18 30.57 10.51 -19.09
CA ASP B 18 30.16 9.40 -19.90
C ASP B 18 29.73 8.18 -19.09
N GLY B 19 29.66 8.24 -17.76
CA GLY B 19 29.24 7.13 -16.92
C GLY B 19 30.30 6.14 -16.47
N THR B 20 31.52 6.28 -16.97
CA THR B 20 32.58 5.38 -16.53
C THR B 20 33.05 5.87 -15.14
N ILE B 21 33.70 4.91 -14.47
CA ILE B 21 34.20 5.13 -13.13
C ILE B 21 35.40 6.10 -13.16
N ASN B 22 35.34 7.08 -12.28
CA ASN B 22 36.49 8.02 -12.17
C ASN B 22 37.26 7.49 -10.96
N GLU B 23 38.33 6.75 -11.22
CA GLU B 23 39.07 6.07 -10.16
C GLU B 23 39.72 7.08 -9.21
N LYS B 24 40.27 8.17 -9.76
CA LYS B 24 40.91 9.14 -8.89
C LYS B 24 39.95 9.76 -7.89
N GLY B 25 38.79 10.14 -8.41
CA GLY B 25 37.68 10.65 -7.63
C GLY B 25 37.26 9.59 -6.61
N LEU B 26 37.11 8.34 -7.05
CA LEU B 26 36.69 7.33 -6.09
C LEU B 26 37.68 7.23 -4.93
N ARG B 27 38.98 7.20 -5.24
CA ARG B 27 39.96 7.16 -4.15
C ARG B 27 39.88 8.32 -3.17
N GLN B 28 39.54 9.51 -3.68
CA GLN B 28 39.37 10.71 -2.89
C GLN B 28 38.15 10.59 -1.96
N ILE B 29 37.08 9.93 -2.45
CA ILE B 29 35.90 9.75 -1.60
C ILE B 29 36.29 8.84 -0.44
N ILE B 30 36.99 7.76 -0.75
CA ILE B 30 37.50 6.82 0.25
C ILE B 30 38.39 7.52 1.28
N ARG B 31 39.36 8.32 0.90
CA ARG B 31 40.26 8.97 1.84
C ARG B 31 39.48 9.90 2.74
N HIS B 32 38.50 10.63 2.17
CA HIS B 32 37.65 11.51 2.96
C HIS B 32 36.93 10.77 4.06
N ASN B 33 36.31 9.62 3.72
CA ASN B 33 35.66 8.81 4.72
C ASN B 33 36.60 8.29 5.81
N ILE B 34 37.73 7.73 5.40
CA ILE B 34 38.67 7.22 6.39
C ILE B 34 39.36 8.31 7.22
N ASP B 35 39.93 9.29 6.50
CA ASP B 35 40.69 10.35 7.17
C ASP B 35 39.90 11.44 7.87
N LYS B 36 38.78 11.88 7.30
CA LYS B 36 38.03 12.99 7.85
C LYS B 36 36.73 12.56 8.50
N MET B 37 35.96 11.65 7.85
CA MET B 37 34.75 11.21 8.57
C MET B 37 35.09 10.26 9.72
N LYS B 38 36.27 9.66 9.73
CA LYS B 38 36.68 8.75 10.78
C LYS B 38 35.77 7.54 10.94
N VAL B 39 35.22 6.98 9.85
CA VAL B 39 34.34 5.80 9.94
C VAL B 39 35.07 4.57 10.46
N ASP B 40 34.33 3.59 10.99
CA ASP B 40 34.90 2.32 11.39
C ASP B 40 35.08 1.44 10.16
N GLY B 41 34.27 1.71 9.10
CA GLY B 41 34.43 0.89 7.90
C GLY B 41 33.68 1.50 6.68
N LEU B 42 33.74 0.78 5.56
CA LEU B 42 32.95 1.14 4.39
C LEU B 42 32.05 -0.04 3.97
N TYR B 43 30.87 0.32 3.48
CA TYR B 43 29.95 -0.68 2.89
C TYR B 43 29.96 -0.37 1.39
N VAL B 44 30.67 -1.16 0.60
CA VAL B 44 30.95 -0.91 -0.81
C VAL B 44 29.99 -1.66 -1.73
N GLY B 45 29.49 -1.06 -2.80
CA GLY B 45 28.57 -1.80 -3.69
C GLY B 45 27.13 -1.78 -3.24
N GLY B 46 26.77 -0.89 -2.31
CA GLY B 46 25.40 -0.76 -1.86
C GLY B 46 24.59 0.13 -2.85
N SER B 47 23.33 0.34 -2.49
CA SER B 47 22.50 1.23 -3.29
C SER B 47 23.14 2.62 -3.40
N THR B 48 23.75 3.11 -2.35
CA THR B 48 24.41 4.42 -2.39
C THR B 48 25.51 4.50 -3.42
N GLY B 49 26.22 3.42 -3.75
CA GLY B 49 27.29 3.43 -4.73
C GLY B 49 26.74 3.33 -6.14
N GLU B 50 25.43 3.41 -6.30
CA GLU B 50 24.79 3.32 -7.63
C GLU B 50 25.11 1.96 -8.25
N ASN B 51 25.16 0.96 -7.34
CA ASN B 51 25.58 -0.37 -7.69
C ASN B 51 24.74 -1.03 -8.77
N PHE B 52 23.43 -0.86 -8.64
CA PHE B 52 22.49 -1.64 -9.47
C PHE B 52 22.34 -1.12 -10.89
N MET B 53 22.94 0.06 -11.16
CA MET B 53 22.99 0.58 -12.53
C MET B 53 24.27 0.19 -13.25
N LEU B 54 25.16 -0.58 -12.66
CA LEU B 54 26.43 -0.94 -13.28
C LEU B 54 26.59 -2.38 -13.75
N SER B 55 27.65 -2.61 -14.54
CA SER B 55 27.91 -3.95 -15.03
C SER B 55 28.62 -4.77 -13.94
N THR B 56 28.77 -6.06 -14.16
CA THR B 56 29.51 -6.88 -13.23
C THR B 56 30.96 -6.51 -13.12
N GLU B 57 31.61 -6.24 -14.25
CA GLU B 57 32.99 -5.79 -14.25
C GLU B 57 33.17 -4.44 -13.52
N GLU B 58 32.20 -3.55 -13.68
CA GLU B 58 32.24 -2.23 -13.03
C GLU B 58 32.20 -2.41 -11.52
N LYS B 59 31.26 -3.20 -11.04
CA LYS B 59 31.21 -3.60 -9.61
C LYS B 59 32.54 -4.18 -9.16
N LYS B 60 33.11 -5.11 -9.93
CA LYS B 60 34.43 -5.66 -9.56
C LYS B 60 35.48 -4.56 -9.47
N GLU B 61 35.53 -3.64 -10.46
CA GLU B 61 36.54 -2.60 -10.39
C GLU B 61 36.36 -1.75 -9.15
N ILE B 62 35.16 -1.37 -8.78
CA ILE B 62 35.05 -0.56 -7.54
C ILE B 62 35.53 -1.39 -6.36
N PHE B 63 35.22 -2.69 -6.34
CA PHE B 63 35.66 -3.50 -5.20
C PHE B 63 37.20 -3.47 -5.15
N ARG B 64 37.87 -3.56 -6.28
CA ARG B 64 39.32 -3.59 -6.27
C ARG B 64 39.89 -2.24 -5.85
N ILE B 65 39.37 -1.17 -6.44
CA ILE B 65 39.85 0.16 -6.05
C ILE B 65 39.62 0.42 -4.57
N ALA B 66 38.44 0.12 -4.02
CA ALA B 66 38.17 0.42 -2.62
C ALA B 66 39.12 -0.36 -1.67
N LYS B 67 39.34 -1.65 -1.95
CA LYS B 67 40.27 -2.43 -1.13
C LYS B 67 41.71 -1.92 -1.26
N ASP B 68 42.11 -1.67 -2.47
CA ASP B 68 43.46 -1.12 -2.75
C ASP B 68 43.65 0.21 -2.05
N GLU B 69 42.64 1.07 -1.99
CA GLU B 69 42.81 2.36 -1.31
C GLU B 69 42.77 2.23 0.20
N ALA B 70 41.81 1.51 0.79
CA ALA B 70 41.68 1.43 2.25
C ALA B 70 42.67 0.49 2.91
N LYS B 71 43.14 -0.49 2.16
CA LYS B 71 44.06 -1.49 2.69
C LYS B 71 43.50 -2.13 3.94
N ASP B 72 44.18 -2.12 5.06
CA ASP B 72 43.69 -2.71 6.30
C ASP B 72 43.39 -1.64 7.34
N GLN B 73 43.27 -0.39 6.84
CA GLN B 73 43.02 0.74 7.75
C GLN B 73 41.66 0.68 8.40
N ILE B 74 40.64 0.19 7.72
CA ILE B 74 39.26 0.14 8.20
C ILE B 74 38.57 -1.18 7.85
N ALA B 75 37.46 -1.51 8.48
CA ALA B 75 36.72 -2.72 8.10
C ALA B 75 36.01 -2.47 6.77
N LEU B 76 35.84 -3.52 5.95
CA LEU B 76 35.22 -3.37 4.63
C LEU B 76 34.18 -4.48 4.43
N ILE B 77 32.98 -4.12 4.10
CA ILE B 77 31.87 -5.01 3.79
C ILE B 77 31.52 -4.87 2.30
N ALA B 78 31.39 -5.96 1.58
CA ALA B 78 31.01 -5.89 0.15
C ALA B 78 29.57 -6.36 -0.10
N GLN B 79 28.78 -5.46 -0.70
CA GLN B 79 27.37 -5.79 -1.03
C GLN B 79 27.41 -6.41 -2.42
N VAL B 80 26.98 -7.68 -2.47
CA VAL B 80 27.10 -8.42 -3.73
C VAL B 80 25.78 -8.97 -4.21
N GLY B 81 24.70 -8.52 -3.58
CA GLY B 81 23.41 -9.13 -3.97
C GLY B 81 22.95 -8.73 -5.36
N SER B 82 22.06 -9.53 -5.90
CA SER B 82 21.58 -9.32 -7.26
C SER B 82 20.36 -10.22 -7.51
N VAL B 83 19.64 -9.84 -8.57
CA VAL B 83 18.52 -10.74 -8.98
C VAL B 83 19.16 -11.98 -9.58
N ASN B 84 20.36 -11.90 -10.11
CA ASN B 84 21.14 -12.93 -10.71
C ASN B 84 22.02 -13.56 -9.63
N LEU B 85 21.62 -14.80 -9.23
CA LEU B 85 22.41 -15.48 -8.18
C LEU B 85 23.78 -15.87 -8.66
N LYS B 86 23.95 -16.23 -9.96
CA LYS B 86 25.31 -16.57 -10.37
C LYS B 86 26.22 -15.34 -10.26
N GLU B 87 25.65 -14.19 -10.63
CA GLU B 87 26.51 -12.99 -10.54
C GLU B 87 26.75 -12.68 -9.06
N ALA B 88 25.78 -12.87 -8.17
CA ALA B 88 26.04 -12.62 -6.75
C ALA B 88 27.17 -13.51 -6.25
N VAL B 89 27.16 -14.78 -6.70
CA VAL B 89 28.22 -15.70 -6.34
C VAL B 89 29.57 -15.25 -6.85
N GLU B 90 29.65 -14.86 -8.11
CA GLU B 90 30.86 -14.37 -8.75
C GLU B 90 31.43 -13.15 -8.02
N LEU B 91 30.56 -12.21 -7.68
CA LEU B 91 31.01 -11.01 -6.98
C LEU B 91 31.43 -11.37 -5.55
N GLY B 92 30.68 -12.28 -4.92
CA GLY B 92 31.04 -12.63 -3.51
C GLY B 92 32.38 -13.35 -3.47
N LYS B 93 32.68 -14.18 -4.47
CA LYS B 93 33.99 -14.85 -4.49
C LYS B 93 35.10 -13.81 -4.70
N TYR B 94 34.83 -12.88 -5.61
CA TYR B 94 35.84 -11.87 -5.96
C TYR B 94 36.10 -11.00 -4.75
N ALA B 95 35.06 -10.53 -4.06
CA ALA B 95 35.23 -9.74 -2.85
C ALA B 95 35.99 -10.49 -1.77
N THR B 96 35.62 -11.76 -1.61
CA THR B 96 36.29 -12.66 -0.68
C THR B 96 37.75 -12.80 -1.05
N GLU B 97 38.09 -13.01 -2.33
CA GLU B 97 39.49 -13.10 -2.74
C GLU B 97 40.27 -11.81 -2.47
N LEU B 98 39.59 -10.66 -2.59
CA LEU B 98 40.24 -9.39 -2.29
C LEU B 98 40.49 -9.16 -0.82
N GLY B 99 39.83 -9.90 0.07
CA GLY B 99 40.04 -9.69 1.49
C GLY B 99 38.89 -8.93 2.16
N TYR B 100 37.74 -8.68 1.50
CA TYR B 100 36.69 -8.00 2.26
C TYR B 100 36.40 -8.73 3.57
N ASP B 101 36.05 -8.09 4.66
CA ASP B 101 35.77 -8.75 5.92
C ASP B 101 34.49 -9.57 5.97
N CYS B 102 33.46 -9.13 5.24
CA CYS B 102 32.17 -9.78 5.25
C CYS B 102 31.45 -9.43 3.95
N LEU B 103 30.43 -10.20 3.58
CA LEU B 103 29.61 -9.86 2.46
C LEU B 103 28.24 -9.39 2.97
N SER B 104 27.55 -8.68 2.08
CA SER B 104 26.14 -8.33 2.36
C SER B 104 25.37 -8.64 1.09
N ALA B 105 24.07 -8.90 1.12
CA ALA B 105 23.37 -9.21 -0.14
C ALA B 105 21.90 -8.85 0.00
N VAL B 106 21.44 -7.98 -0.90
CA VAL B 106 20.03 -7.60 -0.87
C VAL B 106 19.19 -8.84 -1.18
N THR B 107 17.98 -8.95 -0.64
CA THR B 107 17.17 -10.12 -1.07
C THR B 107 16.85 -9.91 -2.57
N PRO B 108 16.82 -10.96 -3.35
CA PRO B 108 16.53 -10.91 -4.77
C PRO B 108 15.20 -10.21 -5.02
N PHE B 109 15.23 -9.22 -5.93
CA PHE B 109 14.04 -8.44 -6.24
C PHE B 109 13.51 -8.64 -7.65
N TYR B 110 12.70 -7.70 -8.11
CA TYR B 110 11.97 -7.76 -9.39
C TYR B 110 10.86 -8.82 -9.24
N TYR B 111 11.18 -10.08 -9.22
CA TYR B 111 10.23 -11.15 -9.03
C TYR B 111 9.80 -11.20 -7.55
N LYS B 112 8.66 -11.82 -7.31
CA LYS B 112 8.21 -12.05 -5.92
C LYS B 112 8.72 -13.42 -5.50
N PHE B 113 9.89 -13.57 -4.94
CA PHE B 113 10.50 -14.83 -4.50
C PHE B 113 9.91 -15.33 -3.20
N SER B 114 9.81 -16.66 -2.97
CA SER B 114 9.25 -17.14 -1.71
C SER B 114 10.32 -17.16 -0.62
N PHE B 115 9.95 -17.31 0.66
CA PHE B 115 11.00 -17.35 1.70
C PHE B 115 12.07 -18.40 1.46
N PRO B 116 11.70 -19.65 1.15
CA PRO B 116 12.66 -20.71 0.92
C PRO B 116 13.64 -20.36 -0.19
N GLU B 117 13.15 -19.66 -1.22
CA GLU B 117 14.04 -19.27 -2.33
C GLU B 117 15.02 -18.21 -1.79
N ILE B 118 14.52 -17.27 -1.02
CA ILE B 118 15.40 -16.24 -0.41
C ILE B 118 16.45 -16.92 0.47
N LYS B 119 16.02 -17.87 1.30
CA LYS B 119 17.00 -18.56 2.17
C LYS B 119 17.97 -19.34 1.36
N HIS B 120 17.55 -20.06 0.30
CA HIS B 120 18.52 -20.78 -0.53
C HIS B 120 19.52 -19.82 -1.15
N TYR B 121 19.04 -18.63 -1.58
CA TYR B 121 19.89 -17.60 -2.18
C TYR B 121 21.07 -17.25 -1.26
N TYR B 122 20.75 -16.89 -0.03
CA TYR B 122 21.79 -16.53 0.95
C TYR B 122 22.62 -17.73 1.30
N ASP B 123 22.01 -18.92 1.47
CA ASP B 123 22.86 -20.08 1.82
C ASP B 123 23.83 -20.43 0.71
N THR B 124 23.40 -20.25 -0.54
CA THR B 124 24.28 -20.55 -1.68
C THR B 124 25.43 -19.56 -1.73
N ILE B 125 25.12 -18.25 -1.58
CA ILE B 125 26.23 -17.27 -1.62
C ILE B 125 27.27 -17.63 -0.55
N ILE B 126 26.78 -17.92 0.65
CA ILE B 126 27.63 -18.34 1.76
C ILE B 126 28.46 -19.57 1.42
N ALA B 127 27.85 -20.66 1.00
CA ALA B 127 28.53 -21.89 0.68
C ALA B 127 29.59 -21.75 -0.40
N GLU B 128 29.26 -21.01 -1.45
CA GLU B 128 30.18 -20.85 -2.56
C GLU B 128 31.33 -19.93 -2.21
N THR B 129 31.18 -19.04 -1.23
CA THR B 129 32.30 -18.14 -0.94
C THR B 129 33.09 -18.49 0.29
N GLY B 130 32.39 -19.02 1.31
CA GLY B 130 33.02 -19.31 2.60
C GLY B 130 32.99 -18.06 3.46
N SER B 131 32.33 -16.98 3.04
CA SER B 131 32.28 -15.76 3.83
C SER B 131 31.01 -15.58 4.63
N ASN B 132 31.13 -14.79 5.69
CA ASN B 132 29.99 -14.40 6.50
C ASN B 132 29.08 -13.40 5.79
N MET B 133 27.85 -13.29 6.24
CA MET B 133 26.87 -12.52 5.45
C MET B 133 25.98 -11.66 6.30
N ILE B 134 25.64 -10.50 5.73
CA ILE B 134 24.73 -9.57 6.40
C ILE B 134 23.50 -9.45 5.47
N VAL B 135 22.32 -9.82 5.97
CA VAL B 135 21.17 -9.78 5.06
C VAL B 135 20.47 -8.45 5.09
N TYR B 136 19.61 -8.27 4.08
CA TYR B 136 18.75 -7.07 4.04
C TYR B 136 17.74 -7.20 2.89
N SER B 137 16.66 -6.45 2.99
CA SER B 137 15.64 -6.46 1.93
C SER B 137 15.18 -5.02 1.63
N ILE B 138 14.71 -4.84 0.42
CA ILE B 138 14.16 -3.55 -0.03
C ILE B 138 12.65 -3.68 0.07
N PRO B 139 11.94 -2.58 0.28
CA PRO B 139 10.49 -2.62 0.38
C PRO B 139 9.82 -3.58 -0.58
N ASN B 145 7.62 -7.07 5.27
CA ASN B 145 9.06 -6.94 5.48
C ASN B 145 9.87 -8.22 5.38
N MET B 146 9.80 -9.02 6.42
CA MET B 146 10.47 -10.27 6.73
C MET B 146 10.31 -10.24 8.27
N GLY B 147 9.68 -11.25 8.84
CA GLY B 147 9.40 -11.24 10.28
C GLY B 147 10.39 -12.06 11.08
N ILE B 148 10.10 -12.18 12.36
CA ILE B 148 10.89 -12.92 13.30
C ILE B 148 11.06 -14.38 12.94
N GLU B 149 10.00 -15.05 12.51
CA GLU B 149 10.12 -16.45 12.10
C GLU B 149 11.08 -16.61 10.94
N GLN B 150 10.99 -15.74 9.93
CA GLN B 150 11.90 -15.78 8.78
C GLN B 150 13.33 -15.47 9.18
N PHE B 151 13.53 -14.47 10.04
CA PHE B 151 14.92 -14.24 10.52
C PHE B 151 15.45 -15.47 11.25
N GLY B 152 14.67 -16.14 12.09
CA GLY B 152 15.11 -17.40 12.73
C GLY B 152 15.60 -18.45 11.76
N GLU B 153 14.92 -18.65 10.64
CA GLU B 153 15.33 -19.60 9.60
C GLU B 153 16.64 -19.19 8.96
N LEU B 154 16.75 -17.88 8.61
CA LEU B 154 17.98 -17.40 7.99
C LEU B 154 19.15 -17.56 8.98
N TYR B 155 18.85 -17.29 10.26
CA TYR B 155 19.85 -17.38 11.32
C TYR B 155 20.22 -18.81 11.69
N LYS B 156 19.57 -19.81 11.08
CA LYS B 156 20.02 -21.19 11.30
C LYS B 156 21.38 -21.39 10.69
N ASN B 157 21.76 -20.57 9.68
CA ASN B 157 23.10 -20.64 9.12
C ASN B 157 23.97 -19.76 10.04
N PRO B 158 24.99 -20.33 10.66
CA PRO B 158 25.85 -19.62 11.58
C PRO B 158 26.67 -18.51 10.95
N LYS B 159 26.85 -18.59 9.62
CA LYS B 159 27.60 -17.53 8.94
C LYS B 159 26.73 -16.32 8.65
N VAL B 160 25.43 -16.35 8.95
CA VAL B 160 24.65 -15.12 8.86
C VAL B 160 24.91 -14.33 10.15
N LEU B 161 25.53 -13.16 10.01
CA LEU B 161 25.89 -12.37 11.19
C LEU B 161 24.75 -11.52 11.70
N GLY B 162 23.82 -11.10 10.83
CA GLY B 162 22.78 -10.19 11.35
C GLY B 162 22.15 -9.49 10.13
N VAL B 163 21.58 -8.33 10.38
CA VAL B 163 20.82 -7.64 9.32
C VAL B 163 21.10 -6.15 9.19
N LYS B 164 21.10 -5.62 7.97
CA LYS B 164 21.16 -4.17 7.76
C LYS B 164 19.70 -3.71 7.74
N PHE B 165 19.18 -3.25 8.85
CA PHE B 165 17.75 -3.02 9.03
C PHE B 165 17.31 -1.72 8.38
N THR B 166 16.47 -1.77 7.35
CA THR B 166 16.13 -0.51 6.69
C THR B 166 14.69 -0.04 6.82
N ALA B 167 13.77 -0.88 7.22
CA ALA B 167 12.37 -0.51 7.28
C ALA B 167 12.12 0.22 8.58
N GLY B 168 11.27 1.25 8.62
CA GLY B 168 11.08 1.97 9.89
C GLY B 168 10.12 1.30 10.86
N ASP B 169 10.34 0.02 11.20
CA ASP B 169 9.42 -0.64 12.15
C ASP B 169 10.18 -0.90 13.44
N PHE B 170 10.00 -0.02 14.43
CA PHE B 170 10.77 -0.14 15.65
C PHE B 170 10.28 -1.27 16.55
N TYR B 171 9.05 -1.75 16.39
CA TYR B 171 8.61 -2.93 17.19
C TYR B 171 9.35 -4.14 16.65
N LEU B 172 9.37 -4.32 15.32
CA LEU B 172 10.15 -5.39 14.73
C LEU B 172 11.64 -5.26 15.07
N LEU B 173 12.22 -4.08 15.16
CA LEU B 173 13.65 -3.98 15.56
C LEU B 173 13.85 -4.49 16.98
N GLU B 174 12.98 -4.11 17.90
CA GLU B 174 13.08 -4.60 19.29
C GLU B 174 12.87 -6.10 19.30
N ARG B 175 11.83 -6.62 18.59
CA ARG B 175 11.63 -8.08 18.67
C ARG B 175 12.83 -8.89 18.19
N LEU B 176 13.51 -8.37 17.16
CA LEU B 176 14.64 -9.07 16.57
C LEU B 176 15.81 -9.12 17.53
N LYS B 177 16.05 -7.97 18.20
CA LYS B 177 17.15 -7.92 19.18
C LYS B 177 16.83 -8.86 20.33
N LYS B 178 15.58 -8.91 20.77
CA LYS B 178 15.09 -9.78 21.82
C LYS B 178 15.22 -11.26 21.43
N ALA B 179 14.73 -11.63 20.26
CA ALA B 179 14.75 -13.05 19.90
C ALA B 179 16.13 -13.58 19.52
N TYR B 180 16.99 -12.81 18.90
CA TYR B 180 18.31 -13.18 18.40
C TYR B 180 19.31 -12.16 18.95
N PRO B 181 19.56 -12.19 20.27
CA PRO B 181 20.38 -11.19 20.93
C PRO B 181 21.83 -11.20 20.55
N ASN B 182 22.38 -12.29 20.03
CA ASN B 182 23.81 -12.28 19.70
C ASN B 182 24.03 -11.89 18.23
N HIS B 183 22.93 -11.75 17.51
CA HIS B 183 23.03 -11.39 16.07
C HIS B 183 23.08 -9.88 15.96
N LEU B 184 23.81 -9.36 14.98
CA LEU B 184 23.98 -7.91 14.94
C LEU B 184 22.94 -7.23 14.07
N ILE B 185 22.76 -5.96 14.40
CA ILE B 185 21.85 -5.09 13.66
C ILE B 185 22.57 -3.77 13.33
N TRP B 186 22.57 -3.46 12.03
CA TRP B 186 23.08 -2.15 11.59
C TRP B 186 21.86 -1.34 11.14
N ALA B 187 21.72 -0.15 11.67
CA ALA B 187 20.58 0.70 11.34
C ALA B 187 20.88 1.26 9.93
N GLY B 188 19.91 1.23 9.06
CA GLY B 188 20.13 1.74 7.71
C GLY B 188 19.52 3.14 7.48
N PHE B 189 18.85 3.70 8.47
CA PHE B 189 18.21 5.00 8.35
C PHE B 189 18.88 6.05 9.23
N ASP B 190 19.73 6.86 8.64
CA ASP B 190 20.59 7.84 9.30
C ASP B 190 19.79 8.82 10.16
N GLU B 191 18.60 9.14 9.70
CA GLU B 191 17.75 10.16 10.30
C GLU B 191 16.95 9.59 11.45
N MET B 192 17.11 8.30 11.74
CA MET B 192 16.49 7.62 12.86
C MET B 192 17.56 6.86 13.66
N MET B 193 18.80 7.35 13.57
CA MET B 193 19.88 6.73 14.34
C MET B 193 19.64 6.66 15.84
N LEU B 194 19.32 7.82 16.45
CA LEU B 194 19.05 7.84 17.91
C LEU B 194 18.06 6.80 18.37
N PRO B 195 16.80 6.74 17.92
CA PRO B 195 15.87 5.75 18.38
C PRO B 195 16.40 4.34 18.07
N ALA B 196 17.07 4.11 16.93
CA ALA B 196 17.67 2.81 16.66
C ALA B 196 18.68 2.46 17.78
N ALA B 197 19.58 3.39 18.08
CA ALA B 197 20.57 3.15 19.14
C ALA B 197 19.97 2.94 20.51
N SER B 198 18.79 3.54 20.78
CA SER B 198 18.11 3.31 22.05
C SER B 198 17.64 1.88 22.16
N LEU B 199 17.50 1.14 21.03
CA LEU B 199 17.06 -0.24 21.06
C LEU B 199 18.29 -1.15 20.93
N GLY B 200 19.48 -0.65 21.04
CA GLY B 200 20.64 -1.53 21.03
C GLY B 200 21.17 -1.95 19.68
N VAL B 201 20.97 -1.18 18.59
CA VAL B 201 21.65 -1.63 17.36
C VAL B 201 23.14 -1.63 17.59
N ASP B 202 23.90 -2.39 16.79
CA ASP B 202 25.35 -2.53 16.97
C ASP B 202 26.15 -1.57 16.12
N GLY B 203 25.44 -0.92 15.20
CA GLY B 203 26.13 0.00 14.30
C GLY B 203 25.17 0.64 13.31
N ALA B 204 25.70 1.25 12.26
CA ALA B 204 24.82 1.93 11.28
C ALA B 204 25.57 1.93 9.95
N ILE B 205 24.81 1.76 8.88
CA ILE B 205 25.32 1.79 7.51
C ILE B 205 24.57 2.93 6.82
N GLY B 206 25.28 3.97 6.37
CA GLY B 206 24.45 5.10 5.88
C GLY B 206 25.13 5.91 4.80
N SER B 207 24.28 6.55 3.98
CA SER B 207 24.86 7.35 2.89
C SER B 207 25.34 8.72 3.41
N THR B 208 24.67 9.29 4.41
CA THR B 208 25.08 10.66 4.81
C THR B 208 26.35 10.72 5.63
N PHE B 209 26.86 9.57 6.09
CA PHE B 209 28.10 9.48 6.83
C PHE B 209 29.27 9.85 5.94
N ASN B 210 29.11 9.84 4.63
CA ASN B 210 30.10 10.31 3.69
C ASN B 210 30.37 11.82 3.92
N VAL B 211 29.45 12.57 4.49
CA VAL B 211 29.82 13.99 4.78
C VAL B 211 29.48 14.35 6.22
N ASN B 212 28.66 13.58 6.91
CA ASN B 212 28.30 13.94 8.28
C ASN B 212 28.72 12.88 9.29
N GLY B 213 29.81 12.20 9.01
CA GLY B 213 30.31 11.13 9.88
C GLY B 213 30.68 11.59 11.29
N VAL B 214 31.08 12.85 11.42
CA VAL B 214 31.47 13.31 12.77
C VAL B 214 30.26 13.29 13.70
N ARG B 215 29.19 13.95 13.27
CA ARG B 215 27.99 13.96 14.11
C ARG B 215 27.37 12.57 14.21
N ALA B 216 27.43 11.77 13.15
CA ALA B 216 26.79 10.42 13.25
C ALA B 216 27.46 9.60 14.36
N ARG B 217 28.80 9.67 14.44
CA ARG B 217 29.48 8.95 15.53
C ARG B 217 29.05 9.49 16.88
N GLN B 218 28.90 10.81 17.03
CA GLN B 218 28.47 11.41 18.28
C GLN B 218 27.10 10.93 18.71
N ILE B 219 26.09 10.98 17.82
CA ILE B 219 24.75 10.53 18.14
C ILE B 219 24.84 9.09 18.70
N PHE B 220 25.53 8.25 17.96
CA PHE B 220 25.71 6.84 18.28
C PHE B 220 26.30 6.67 19.67
N GLU B 221 27.52 7.18 19.84
CA GLU B 221 28.23 7.06 21.10
C GLU B 221 27.48 7.73 22.22
N LEU B 222 26.89 8.91 22.05
CA LEU B 222 26.16 9.54 23.14
C LEU B 222 24.92 8.77 23.54
N THR B 223 24.17 8.28 22.56
CA THR B 223 22.97 7.49 22.83
C THR B 223 23.37 6.22 23.59
N LYS B 224 24.45 5.55 23.24
CA LYS B 224 24.90 4.37 23.95
C LYS B 224 25.29 4.69 25.39
N ALA B 225 25.81 5.90 25.63
CA ALA B 225 26.15 6.32 26.98
C ALA B 225 24.92 6.76 27.77
N GLY B 226 23.74 6.83 27.17
CA GLY B 226 22.53 7.24 27.87
C GLY B 226 22.45 8.76 27.93
N LYS B 227 23.27 9.44 27.16
CA LYS B 227 23.32 10.90 27.12
C LYS B 227 22.33 11.41 26.09
N LEU B 228 21.03 11.19 26.35
CA LEU B 228 19.98 11.48 25.39
C LEU B 228 19.82 12.92 25.01
N LYS B 229 19.87 13.85 25.96
CA LYS B 229 19.65 15.25 25.57
C LYS B 229 20.72 15.74 24.61
N GLU B 230 21.99 15.36 24.77
CA GLU B 230 22.99 15.85 23.81
C GLU B 230 22.82 15.13 22.47
N ALA B 231 22.54 13.83 22.59
CA ALA B 231 22.36 13.01 21.39
C ALA B 231 21.22 13.63 20.57
N LEU B 232 20.10 13.93 21.22
CA LEU B 232 18.95 14.50 20.49
C LEU B 232 19.23 15.82 19.81
N GLU B 233 20.00 16.73 20.45
CA GLU B 233 20.35 17.98 19.81
C GLU B 233 21.13 17.75 18.54
N ILE B 234 22.10 16.82 18.58
CA ILE B 234 22.88 16.47 17.43
C ILE B 234 22.03 15.78 16.37
N GLN B 235 21.10 14.90 16.74
CA GLN B 235 20.17 14.29 15.76
C GLN B 235 19.28 15.34 15.10
N HIS B 236 18.92 16.38 15.85
CA HIS B 236 18.10 17.44 15.28
C HIS B 236 18.85 18.22 14.19
N VAL B 237 20.13 18.55 14.46
CA VAL B 237 20.89 19.29 13.44
C VAL B 237 21.13 18.40 12.21
N THR B 238 21.45 17.16 12.52
CA THR B 238 21.68 16.15 11.47
C THR B 238 20.45 16.04 10.57
N ASN B 239 19.27 15.99 11.18
CA ASN B 239 18.02 15.86 10.44
C ASN B 239 17.68 17.10 9.65
N ASP B 240 18.10 18.30 10.05
CA ASP B 240 17.91 19.48 9.21
C ASP B 240 18.79 19.29 7.98
N LEU B 241 20.01 18.75 8.17
CA LEU B 241 20.88 18.50 7.07
C LEU B 241 20.27 17.43 6.16
N ILE B 242 19.82 16.30 6.72
CA ILE B 242 19.26 15.23 5.88
C ILE B 242 18.01 15.73 5.14
N GLU B 243 17.16 16.48 5.82
CA GLU B 243 15.93 16.99 5.19
C GLU B 243 16.31 17.83 3.97
N GLY B 244 17.30 18.72 4.02
CA GLY B 244 17.71 19.45 2.81
C GLY B 244 18.29 18.56 1.74
N ILE B 245 19.10 17.55 2.12
CA ILE B 245 19.74 16.65 1.17
C ILE B 245 18.66 15.88 0.40
N LEU B 246 17.70 15.33 1.14
CA LEU B 246 16.59 14.62 0.55
C LEU B 246 15.74 15.51 -0.37
N ALA B 247 15.47 16.77 0.03
CA ALA B 247 14.67 17.61 -0.85
C ALA B 247 15.44 18.04 -2.09
N ASN B 248 16.74 18.24 -1.99
CA ASN B 248 17.58 18.63 -3.10
C ASN B 248 18.03 17.53 -4.05
N GLY B 249 17.97 16.27 -3.63
CA GLY B 249 18.46 15.17 -4.47
C GLY B 249 19.57 14.50 -3.65
N LEU B 250 19.21 13.30 -3.08
CA LEU B 250 20.15 12.63 -2.19
C LEU B 250 21.53 12.43 -2.76
N TYR B 251 21.63 11.59 -3.81
CA TYR B 251 22.96 11.30 -4.36
C TYR B 251 23.68 12.52 -4.89
N LEU B 252 23.03 13.31 -5.74
CA LEU B 252 23.71 14.51 -6.27
C LEU B 252 24.15 15.50 -5.19
N THR B 253 23.33 15.67 -4.20
CA THR B 253 23.61 16.63 -3.12
C THR B 253 24.79 16.12 -2.31
N ILE B 254 24.83 14.85 -1.92
CA ILE B 254 26.01 14.39 -1.18
C ILE B 254 27.26 14.56 -2.03
N LYS B 255 27.25 14.24 -3.33
CA LYS B 255 28.43 14.46 -4.16
C LYS B 255 28.76 15.97 -4.23
N GLU B 256 27.77 16.86 -4.32
CA GLU B 256 28.12 18.28 -4.36
C GLU B 256 28.75 18.73 -3.04
N LEU B 257 28.27 18.21 -1.91
CA LEU B 257 28.81 18.55 -0.59
C LEU B 257 30.28 18.09 -0.57
N LEU B 258 30.52 16.87 -1.08
CA LEU B 258 31.90 16.38 -1.17
C LEU B 258 32.82 17.26 -1.98
N LYS B 259 32.35 17.75 -3.14
CA LYS B 259 33.13 18.60 -4.01
C LYS B 259 33.48 19.92 -3.31
N LEU B 260 32.64 20.42 -2.43
CA LEU B 260 32.95 21.63 -1.67
C LEU B 260 34.07 21.38 -0.67
N GLU B 261 34.43 20.13 -0.37
CA GLU B 261 35.54 19.83 0.52
C GLU B 261 36.73 19.44 -0.36
N GLY B 262 36.65 19.59 -1.68
CA GLY B 262 37.79 19.25 -2.51
C GLY B 262 37.84 17.79 -2.92
N VAL B 263 36.69 17.10 -2.85
CA VAL B 263 36.61 15.72 -3.29
C VAL B 263 35.95 15.71 -4.65
N ASP B 264 36.63 15.19 -5.67
CA ASP B 264 36.06 15.13 -7.01
C ASP B 264 35.09 13.92 -7.06
N ALA B 265 33.90 14.16 -6.54
CA ALA B 265 32.86 13.14 -6.43
C ALA B 265 32.12 12.93 -7.74
N GLY B 266 32.43 13.65 -8.80
CA GLY B 266 31.94 13.46 -10.13
C GLY B 266 30.43 13.55 -10.32
N TYR B 267 29.97 12.91 -11.38
CA TYR B 267 28.59 12.91 -11.79
C TYR B 267 27.85 11.68 -11.29
N CYS B 268 26.52 11.67 -11.37
CA CYS B 268 25.79 10.44 -11.05
C CYS B 268 25.72 9.62 -12.34
N ARG B 269 25.41 8.34 -12.21
CA ARG B 269 25.37 7.44 -13.35
C ARG B 269 23.92 7.34 -13.86
N GLU B 270 23.77 7.47 -15.18
CA GLU B 270 22.45 7.35 -15.77
C GLU B 270 21.89 5.95 -15.80
N PRO B 271 20.70 5.73 -15.32
CA PRO B 271 19.50 6.46 -15.62
C PRO B 271 19.29 7.57 -14.61
N MET B 272 20.10 7.63 -13.54
CA MET B 272 19.92 8.77 -12.60
C MET B 272 20.32 10.06 -13.34
N THR B 273 19.80 11.21 -12.97
CA THR B 273 20.18 12.47 -13.65
C THR B 273 21.65 12.72 -13.31
N SER B 274 22.50 12.81 -14.31
CA SER B 274 23.93 12.79 -14.00
C SER B 274 24.51 14.10 -13.49
N LYS B 275 23.97 15.21 -13.94
CA LYS B 275 24.53 16.50 -13.55
C LYS B 275 23.61 17.31 -12.67
N ALA B 276 24.14 17.94 -11.64
CA ALA B 276 23.30 18.76 -10.75
C ALA B 276 22.90 20.05 -11.47
N THR B 277 21.71 20.57 -11.20
CA THR B 277 21.27 21.80 -11.82
C THR B 277 21.90 22.97 -11.01
N ALA B 278 21.86 24.17 -11.60
CA ALA B 278 22.40 25.34 -10.88
C ALA B 278 21.73 25.46 -9.54
N GLU B 279 20.43 25.38 -9.44
CA GLU B 279 19.76 25.46 -8.15
C GLU B 279 20.13 24.32 -7.19
N GLN B 280 20.38 23.11 -7.67
CA GLN B 280 20.79 22.02 -6.76
C GLN B 280 22.18 22.36 -6.22
N VAL B 281 23.00 22.92 -7.12
CA VAL B 281 24.33 23.35 -6.72
C VAL B 281 24.28 24.49 -5.69
N ALA B 282 23.46 25.51 -5.87
CA ALA B 282 23.27 26.59 -4.90
C ALA B 282 22.77 26.02 -3.57
N LYS B 283 21.82 25.09 -3.58
CA LYS B 283 21.31 24.54 -2.33
C LYS B 283 22.38 23.76 -1.57
N ALA B 284 23.23 23.04 -2.28
CA ALA B 284 24.31 22.27 -1.66
C ALA B 284 25.29 23.23 -0.99
N LYS B 285 25.59 24.34 -1.66
CA LYS B 285 26.45 25.35 -0.98
C LYS B 285 25.80 25.85 0.28
N ASP B 286 24.50 26.13 0.30
CA ASP B 286 23.74 26.58 1.45
C ASP B 286 23.73 25.59 2.61
N LEU B 287 23.53 24.31 2.26
CA LEU B 287 23.60 23.26 3.26
C LEU B 287 25.00 23.23 3.84
N LYS B 288 26.03 23.32 3.01
CA LYS B 288 27.39 23.28 3.52
C LYS B 288 27.62 24.39 4.56
N ALA B 289 27.17 25.58 4.16
CA ALA B 289 27.32 26.77 5.00
C ALA B 289 26.61 26.63 6.33
N LYS B 290 25.36 26.20 6.34
CA LYS B 290 24.61 26.10 7.57
C LYS B 290 25.04 24.95 8.48
N PHE B 291 25.51 23.82 7.89
CA PHE B 291 25.77 22.66 8.75
C PHE B 291 27.13 21.99 8.65
N LEU B 292 27.97 22.20 7.65
CA LEU B 292 29.23 21.50 7.53
C LEU B 292 30.38 22.50 7.43
N SER B 293 30.22 23.63 8.14
CA SER B 293 31.20 24.67 8.15
C SER B 293 31.95 24.91 9.47
N MET C 1 7.65 -1.63 -41.45
CA MET C 1 7.31 -2.08 -40.06
C MET C 1 6.36 -3.26 -40.08
N ARG C 2 6.80 -4.41 -39.60
CA ARG C 2 5.94 -5.60 -39.50
C ARG C 2 4.76 -5.39 -38.57
N ASP C 3 3.56 -5.89 -38.88
CA ASP C 3 2.37 -5.70 -38.05
C ASP C 3 2.54 -6.27 -36.65
N LEU C 4 2.35 -5.47 -35.62
CA LEU C 4 2.55 -5.98 -34.25
C LEU C 4 1.29 -6.14 -33.43
N LYS C 5 0.11 -6.15 -34.06
CA LYS C 5 -1.08 -6.37 -33.24
C LYS C 5 -1.26 -7.87 -33.06
N GLY C 6 -2.15 -8.30 -32.17
CA GLY C 6 -2.44 -9.72 -31.99
C GLY C 6 -1.84 -10.35 -30.72
N ILE C 7 -1.71 -11.67 -30.82
CA ILE C 7 -1.32 -12.52 -29.68
C ILE C 7 0.17 -12.80 -29.65
N PHE C 8 0.87 -12.33 -28.61
CA PHE C 8 2.30 -12.49 -28.48
C PHE C 8 2.54 -13.35 -27.22
N SER C 9 3.19 -14.49 -27.36
CA SER C 9 3.53 -15.24 -26.16
C SER C 9 4.78 -14.60 -25.54
N ALA C 10 4.78 -14.41 -24.23
CA ALA C 10 6.02 -13.95 -23.57
C ALA C 10 6.86 -15.22 -23.47
N LEU C 11 7.89 -15.42 -24.24
CA LEU C 11 8.70 -16.58 -24.35
C LEU C 11 9.37 -17.07 -23.06
N LEU C 12 9.05 -18.32 -22.73
CA LEU C 12 9.68 -19.02 -21.64
C LEU C 12 10.99 -19.61 -22.18
N VAL C 13 11.95 -19.78 -21.27
CA VAL C 13 13.26 -20.30 -21.71
C VAL C 13 13.54 -21.63 -20.99
N SER C 14 14.19 -22.57 -21.64
CA SER C 14 14.52 -23.85 -20.98
C SER C 14 15.90 -23.75 -20.39
N PHE C 15 16.05 -24.16 -19.12
CA PHE C 15 17.37 -24.13 -18.48
C PHE C 15 17.75 -25.55 -18.04
N ASN C 16 19.03 -25.84 -18.08
CA ASN C 16 19.56 -27.08 -17.57
C ASN C 16 19.56 -27.02 -16.04
N GLU C 17 19.89 -28.14 -15.41
CA GLU C 17 19.89 -28.19 -13.95
C GLU C 17 20.90 -27.25 -13.33
N ASP C 18 22.01 -26.99 -14.00
CA ASP C 18 23.06 -26.10 -13.54
C ASP C 18 22.80 -24.63 -13.84
N GLY C 19 21.61 -24.32 -14.36
CA GLY C 19 21.11 -23.01 -14.69
C GLY C 19 21.53 -22.50 -16.05
N THR C 20 22.32 -23.24 -16.83
CA THR C 20 22.73 -22.80 -18.17
C THR C 20 21.52 -22.99 -19.11
N ILE C 21 21.57 -22.27 -20.23
CA ILE C 21 20.46 -22.32 -21.19
C ILE C 21 20.47 -23.64 -21.93
N ASN C 22 19.35 -24.32 -22.05
CA ASN C 22 19.20 -25.52 -22.86
C ASN C 22 18.76 -25.05 -24.25
N GLU C 23 19.64 -24.88 -25.21
CA GLU C 23 19.24 -24.41 -26.54
C GLU C 23 18.24 -25.34 -27.24
N LYS C 24 18.41 -26.65 -27.18
CA LYS C 24 17.45 -27.53 -27.87
C LYS C 24 16.02 -27.31 -27.39
N GLY C 25 15.93 -27.33 -26.04
CA GLY C 25 14.68 -27.13 -25.34
C GLY C 25 14.12 -25.76 -25.70
N LEU C 26 14.93 -24.69 -25.67
CA LEU C 26 14.39 -23.39 -26.06
C LEU C 26 13.85 -23.40 -27.48
N ARG C 27 14.57 -23.97 -28.43
CA ARG C 27 14.07 -24.12 -29.80
C ARG C 27 12.74 -24.88 -29.87
N GLN C 28 12.57 -25.91 -29.03
CA GLN C 28 11.28 -26.61 -28.97
C GLN C 28 10.16 -25.75 -28.40
N ILE C 29 10.46 -24.91 -27.39
CA ILE C 29 9.41 -24.01 -26.91
C ILE C 29 8.98 -23.06 -28.03
N ILE C 30 9.97 -22.50 -28.72
CA ILE C 30 9.68 -21.57 -29.83
C ILE C 30 8.86 -22.31 -30.92
N ARG C 31 9.31 -23.51 -31.30
CA ARG C 31 8.50 -24.24 -32.32
C ARG C 31 7.07 -24.48 -31.86
N HIS C 32 6.86 -24.83 -30.58
CA HIS C 32 5.49 -25.05 -30.11
C HIS C 32 4.62 -23.82 -30.21
N ASN C 33 5.15 -22.64 -29.84
CA ASN C 33 4.41 -21.39 -29.96
C ASN C 33 4.06 -21.08 -31.44
N ILE C 34 5.03 -21.19 -32.33
CA ILE C 34 4.73 -20.86 -33.71
C ILE C 34 3.78 -21.90 -34.36
N ASP C 35 4.11 -23.18 -34.23
CA ASP C 35 3.34 -24.24 -34.87
C ASP C 35 2.10 -24.75 -34.16
N LYS C 36 2.06 -24.77 -32.83
CA LYS C 36 0.89 -25.30 -32.15
C LYS C 36 0.04 -24.20 -31.57
N MET C 37 0.71 -23.24 -30.89
CA MET C 37 -0.08 -22.12 -30.35
C MET C 37 -0.47 -21.13 -31.44
N LYS C 38 0.26 -21.12 -32.55
CA LYS C 38 -0.06 -20.23 -33.66
C LYS C 38 -0.19 -18.76 -33.29
N VAL C 39 0.75 -18.27 -32.47
CA VAL C 39 0.75 -16.90 -32.04
C VAL C 39 1.15 -15.96 -33.19
N ASP C 40 0.84 -14.67 -33.07
CA ASP C 40 1.28 -13.66 -34.03
C ASP C 40 2.75 -13.32 -33.85
N GLY C 41 3.24 -13.48 -32.60
CA GLY C 41 4.67 -13.21 -32.40
C GLY C 41 5.14 -13.73 -31.01
N LEU C 42 6.40 -13.38 -30.75
CA LEU C 42 7.00 -13.72 -29.45
C LEU C 42 7.61 -12.44 -28.85
N TYR C 43 7.43 -12.32 -27.53
CA TYR C 43 8.03 -11.22 -26.75
C TYR C 43 9.15 -11.91 -25.94
N VAL C 44 10.34 -11.69 -26.43
CA VAL C 44 11.56 -12.37 -25.99
C VAL C 44 12.31 -11.57 -24.96
N GLY C 45 12.79 -12.24 -23.88
CA GLY C 45 13.52 -11.47 -22.89
C GLY C 45 12.65 -10.86 -21.83
N GLY C 46 11.35 -11.17 -21.77
CA GLY C 46 10.50 -10.53 -20.75
C GLY C 46 10.70 -11.21 -19.40
N SER C 47 9.88 -10.82 -18.44
CA SER C 47 9.92 -11.38 -17.10
C SER C 47 9.63 -12.87 -17.13
N THR C 48 8.69 -13.29 -17.99
CA THR C 48 8.37 -14.70 -18.19
C THR C 48 9.57 -15.50 -18.66
N GLY C 49 10.46 -14.87 -19.44
CA GLY C 49 11.69 -15.53 -19.87
C GLY C 49 12.75 -15.67 -18.78
N GLU C 50 12.50 -15.30 -17.53
CA GLU C 50 13.43 -15.38 -16.42
C GLU C 50 14.65 -14.47 -16.68
N ASN C 51 14.38 -13.44 -17.49
CA ASN C 51 15.37 -12.55 -18.04
C ASN C 51 16.22 -11.86 -16.99
N PHE C 52 15.57 -11.29 -15.98
CA PHE C 52 16.29 -10.52 -14.97
C PHE C 52 17.13 -11.34 -14.02
N MET C 53 17.16 -12.67 -14.15
CA MET C 53 18.05 -13.47 -13.34
C MET C 53 19.28 -13.84 -14.16
N LEU C 54 19.42 -13.36 -15.40
CA LEU C 54 20.48 -13.83 -16.27
C LEU C 54 21.59 -12.81 -16.56
N SER C 55 22.72 -13.27 -17.12
CA SER C 55 23.76 -12.30 -17.47
C SER C 55 23.41 -11.62 -18.82
N THR C 56 24.09 -10.52 -19.10
CA THR C 56 23.97 -9.86 -20.42
C THR C 56 24.25 -10.87 -21.53
N GLU C 57 25.32 -11.66 -21.42
CA GLU C 57 25.65 -12.65 -22.45
C GLU C 57 24.56 -13.70 -22.61
N GLU C 58 23.96 -14.19 -21.53
CA GLU C 58 22.85 -15.14 -21.65
C GLU C 58 21.64 -14.46 -22.28
N LYS C 59 21.39 -13.19 -21.98
CA LYS C 59 20.30 -12.50 -22.66
C LYS C 59 20.56 -12.47 -24.18
N LYS C 60 21.78 -12.15 -24.60
CA LYS C 60 22.14 -12.13 -26.01
C LYS C 60 21.99 -13.52 -26.61
N GLU C 61 22.46 -14.56 -25.93
CA GLU C 61 22.29 -15.90 -26.44
C GLU C 61 20.83 -16.24 -26.70
N ILE C 62 19.93 -15.88 -25.78
CA ILE C 62 18.51 -16.19 -26.00
C ILE C 62 18.03 -15.42 -27.23
N PHE C 63 18.43 -14.17 -27.42
CA PHE C 63 18.01 -13.38 -28.57
C PHE C 63 18.57 -14.02 -29.86
N ARG C 64 19.76 -14.54 -29.88
CA ARG C 64 20.35 -15.25 -30.98
C ARG C 64 19.48 -16.47 -31.37
N ILE C 65 19.26 -17.34 -30.40
CA ILE C 65 18.53 -18.57 -30.59
C ILE C 65 17.10 -18.30 -31.05
N ALA C 66 16.38 -17.40 -30.40
CA ALA C 66 15.02 -17.12 -30.84
C ALA C 66 14.89 -16.55 -32.26
N LYS C 67 15.77 -15.65 -32.66
CA LYS C 67 15.72 -15.11 -34.03
C LYS C 67 16.09 -16.18 -35.05
N ASP C 68 17.07 -17.02 -34.77
CA ASP C 68 17.49 -18.09 -35.66
C ASP C 68 16.37 -19.11 -35.86
N GLU C 69 15.64 -19.43 -34.81
CA GLU C 69 14.64 -20.49 -34.91
C GLU C 69 13.36 -19.96 -35.52
N ALA C 70 13.02 -18.71 -35.22
CA ALA C 70 11.78 -18.12 -35.73
C ALA C 70 11.96 -17.46 -37.11
N LYS C 71 13.19 -17.12 -37.46
CA LYS C 71 13.43 -16.47 -38.77
C LYS C 71 12.42 -15.39 -39.01
N ASP C 72 11.67 -15.38 -40.11
CA ASP C 72 10.65 -14.34 -40.30
C ASP C 72 9.25 -14.97 -40.37
N GLN C 73 9.08 -16.10 -39.69
CA GLN C 73 7.78 -16.78 -39.65
C GLN C 73 6.78 -16.05 -38.80
N ILE C 74 7.23 -15.24 -37.83
CA ILE C 74 6.39 -14.49 -36.90
C ILE C 74 7.07 -13.17 -36.51
N ALA C 75 6.33 -12.26 -35.90
CA ALA C 75 6.92 -11.00 -35.44
C ALA C 75 7.70 -11.27 -34.13
N LEU C 76 8.81 -10.57 -33.98
CA LEU C 76 9.64 -10.75 -32.77
C LEU C 76 9.88 -9.42 -32.07
N ILE C 77 9.56 -9.36 -30.77
CA ILE C 77 9.74 -8.16 -29.96
C ILE C 77 10.86 -8.45 -28.92
N ALA C 78 11.83 -7.55 -28.82
CA ALA C 78 12.90 -7.82 -27.85
C ALA C 78 12.80 -6.93 -26.63
N GLN C 79 12.67 -7.54 -25.43
CA GLN C 79 12.59 -6.80 -24.16
C GLN C 79 14.04 -6.69 -23.69
N VAL C 80 14.52 -5.45 -23.56
CA VAL C 80 15.91 -5.16 -23.30
C VAL C 80 16.13 -4.20 -22.13
N GLY C 81 15.06 -3.90 -21.39
CA GLY C 81 15.07 -3.04 -20.25
C GLY C 81 15.95 -3.58 -19.10
N SER C 82 16.41 -2.62 -18.31
CA SER C 82 17.34 -2.91 -17.22
C SER C 82 17.50 -1.73 -16.29
N VAL C 83 18.09 -1.91 -15.11
CA VAL C 83 18.40 -0.78 -14.22
C VAL C 83 19.67 -0.13 -14.77
N ASN C 84 20.43 -0.89 -15.51
CA ASN C 84 21.64 -0.50 -16.19
C ASN C 84 21.29 0.01 -17.60
N LEU C 85 21.28 1.32 -17.81
CA LEU C 85 20.97 1.88 -19.15
C LEU C 85 21.95 1.48 -20.22
N LYS C 86 23.26 1.39 -19.81
CA LYS C 86 24.25 0.98 -20.79
C LYS C 86 23.91 -0.43 -21.26
N GLU C 87 23.50 -1.32 -20.35
CA GLU C 87 23.18 -2.68 -20.76
C GLU C 87 21.92 -2.64 -21.65
N ALA C 88 20.90 -1.86 -21.30
CA ALA C 88 19.72 -1.75 -22.15
C ALA C 88 20.08 -1.32 -23.56
N VAL C 89 20.95 -0.31 -23.69
CA VAL C 89 21.44 0.18 -24.97
C VAL C 89 22.19 -0.90 -25.70
N GLU C 90 23.09 -1.61 -25.02
CA GLU C 90 23.86 -2.70 -25.62
C GLU C 90 22.95 -3.83 -26.09
N LEU C 91 21.96 -4.18 -25.22
CA LEU C 91 21.03 -5.23 -25.65
C LEU C 91 20.14 -4.70 -26.78
N GLY C 92 19.73 -3.46 -26.73
CA GLY C 92 18.85 -2.89 -27.77
C GLY C 92 19.56 -2.95 -29.12
N LYS C 93 20.84 -2.55 -29.14
CA LYS C 93 21.63 -2.60 -30.36
C LYS C 93 21.81 -3.99 -30.92
N TYR C 94 22.09 -4.99 -30.10
CA TYR C 94 22.28 -6.36 -30.56
C TYR C 94 20.95 -6.87 -31.12
N ALA C 95 19.83 -6.70 -30.41
CA ALA C 95 18.55 -7.17 -30.91
C ALA C 95 18.20 -6.49 -32.25
N THR C 96 18.49 -5.22 -32.34
CA THR C 96 18.23 -4.46 -33.58
C THR C 96 19.08 -5.05 -34.69
N GLU C 97 20.39 -5.26 -34.50
CA GLU C 97 21.23 -5.95 -35.45
C GLU C 97 20.77 -7.35 -35.84
N LEU C 98 20.20 -8.12 -34.90
CA LEU C 98 19.70 -9.45 -35.22
C LEU C 98 18.43 -9.39 -36.11
N GLY C 99 17.72 -8.29 -36.12
CA GLY C 99 16.54 -8.18 -36.96
C GLY C 99 15.24 -8.24 -36.17
N TYR C 100 15.29 -8.00 -34.87
CA TYR C 100 14.03 -7.98 -34.09
C TYR C 100 13.11 -6.91 -34.66
N ASP C 101 11.79 -7.13 -34.65
CA ASP C 101 10.91 -6.10 -35.21
C ASP C 101 10.76 -4.82 -34.46
N CYS C 102 10.84 -4.89 -33.11
CA CYS C 102 10.64 -3.80 -32.21
C CYS C 102 11.33 -4.15 -30.87
N LEU C 103 11.56 -3.12 -30.11
CA LEU C 103 12.14 -3.30 -28.77
C LEU C 103 11.08 -2.99 -27.74
N SER C 104 11.31 -3.50 -26.51
CA SER C 104 10.44 -3.18 -25.38
C SER C 104 11.41 -2.95 -24.19
N ALA C 105 11.02 -2.11 -23.26
CA ALA C 105 11.94 -1.96 -22.09
C ALA C 105 11.14 -1.61 -20.85
N VAL C 106 11.35 -2.34 -19.76
CA VAL C 106 10.70 -2.03 -18.51
C VAL C 106 11.24 -0.70 -17.99
N THR C 107 10.44 0.09 -17.28
CA THR C 107 11.02 1.30 -16.68
C THR C 107 12.10 0.81 -15.68
N PRO C 108 13.19 1.55 -15.59
CA PRO C 108 14.30 1.21 -14.69
C PRO C 108 13.73 1.12 -13.27
N PHE C 109 14.09 0.07 -12.57
CA PHE C 109 13.52 -0.20 -11.26
C PHE C 109 14.57 -0.19 -10.15
N TYR C 110 14.25 -0.74 -9.00
CA TYR C 110 15.08 -0.75 -7.80
C TYR C 110 15.07 0.65 -7.18
N TYR C 111 15.70 1.61 -7.85
CA TYR C 111 15.68 2.99 -7.44
C TYR C 111 14.37 3.65 -7.86
N LYS C 112 14.09 4.74 -7.17
CA LYS C 112 12.84 5.46 -7.53
C LYS C 112 13.18 6.52 -8.56
N PHE C 113 13.00 6.27 -9.85
CA PHE C 113 13.39 7.28 -10.84
C PHE C 113 12.27 8.30 -11.08
N SER C 114 12.66 9.54 -11.41
CA SER C 114 11.61 10.53 -11.72
C SER C 114 11.13 10.31 -13.17
N PHE C 115 10.05 10.99 -13.54
CA PHE C 115 9.52 10.89 -14.89
C PHE C 115 10.46 11.30 -15.97
N PRO C 116 11.15 12.43 -15.89
CA PRO C 116 12.13 12.87 -16.86
C PRO C 116 13.27 11.88 -17.00
N GLU C 117 13.67 11.26 -15.87
CA GLU C 117 14.70 10.22 -15.96
C GLU C 117 14.17 9.04 -16.81
N ILE C 118 12.95 8.63 -16.50
CA ILE C 118 12.31 7.54 -17.24
C ILE C 118 12.18 7.85 -18.72
N LYS C 119 11.72 9.07 -19.05
CA LYS C 119 11.66 9.45 -20.49
C LYS C 119 13.02 9.51 -21.14
N HIS C 120 14.03 10.04 -20.39
CA HIS C 120 15.39 10.09 -20.92
C HIS C 120 15.91 8.69 -21.20
N TYR C 121 15.53 7.75 -20.32
CA TYR C 121 15.89 6.34 -20.49
C TYR C 121 15.37 5.76 -21.78
N TYR C 122 14.08 5.91 -22.08
CA TYR C 122 13.47 5.41 -23.33
C TYR C 122 14.01 6.17 -24.55
N ASP C 123 14.13 7.49 -24.43
CA ASP C 123 14.68 8.29 -25.55
C ASP C 123 16.08 7.86 -25.91
N THR C 124 16.93 7.56 -24.90
CA THR C 124 18.29 7.07 -25.20
C THR C 124 18.30 5.71 -25.85
N ILE C 125 17.49 4.76 -25.36
CA ILE C 125 17.49 3.44 -26.03
C ILE C 125 17.12 3.59 -27.49
N ILE C 126 16.08 4.34 -27.76
CA ILE C 126 15.62 4.58 -29.13
C ILE C 126 16.68 5.26 -29.99
N ALA C 127 17.27 6.34 -29.49
CA ALA C 127 18.23 7.10 -30.29
C ALA C 127 19.49 6.30 -30.56
N GLU C 128 19.90 5.46 -29.59
CA GLU C 128 21.13 4.69 -29.79
C GLU C 128 20.93 3.50 -30.69
N THR C 129 19.69 3.00 -30.82
CA THR C 129 19.47 1.82 -31.63
C THR C 129 18.77 2.17 -32.93
N GLY C 130 17.96 3.20 -32.87
CA GLY C 130 17.13 3.62 -33.99
C GLY C 130 15.83 2.81 -34.06
N SER C 131 15.58 1.85 -33.17
CA SER C 131 14.40 1.01 -33.24
C SER C 131 13.17 1.56 -32.54
N ASN C 132 11.99 1.04 -32.92
CA ASN C 132 10.73 1.40 -32.26
C ASN C 132 10.70 0.77 -30.84
N MET C 133 9.82 1.27 -29.98
CA MET C 133 9.80 0.92 -28.57
C MET C 133 8.41 0.73 -27.99
N ILE C 134 8.29 -0.27 -27.10
CA ILE C 134 7.02 -0.48 -26.41
C ILE C 134 7.32 -0.26 -24.92
N VAL C 135 6.65 0.68 -24.29
CA VAL C 135 6.97 0.94 -22.87
C VAL C 135 6.17 0.03 -21.91
N TYR C 136 6.62 -0.05 -20.67
CA TYR C 136 5.92 -0.79 -19.62
C TYR C 136 6.58 -0.58 -18.25
N SER C 137 5.81 -0.79 -17.18
CA SER C 137 6.44 -0.66 -15.84
C SER C 137 5.88 -1.72 -14.88
N ILE C 138 6.69 -2.11 -13.90
CA ILE C 138 6.25 -3.11 -12.92
C ILE C 138 5.76 -2.39 -11.66
N PRO C 139 5.19 -3.13 -10.72
CA PRO C 139 4.72 -2.55 -9.47
C PRO C 139 5.88 -2.19 -8.54
N ASN C 145 1.16 4.48 -10.93
CA ASN C 145 1.31 3.85 -12.23
C ASN C 145 2.16 4.65 -13.22
N MET C 146 1.58 5.63 -13.84
CA MET C 146 2.11 6.51 -14.87
C MET C 146 0.81 6.92 -15.60
N GLY C 147 0.48 8.20 -15.66
CA GLY C 147 -0.80 8.62 -16.20
C GLY C 147 -0.84 9.13 -17.63
N ILE C 148 -1.99 9.65 -18.04
CA ILE C 148 -2.22 10.19 -19.35
C ILE C 148 -1.21 11.27 -19.72
N GLU C 149 -0.97 12.24 -18.87
CA GLU C 149 0.02 13.28 -19.13
C GLU C 149 1.41 12.70 -19.36
N GLN C 150 1.82 11.71 -18.58
CA GLN C 150 3.16 11.11 -18.80
C GLN C 150 3.25 10.31 -20.05
N PHE C 151 2.18 9.56 -20.40
CA PHE C 151 2.19 8.80 -21.65
C PHE C 151 2.30 9.78 -22.82
N GLY C 152 1.59 10.90 -22.74
CA GLY C 152 1.68 11.94 -23.79
C GLY C 152 3.10 12.43 -23.96
N GLU C 153 3.78 12.69 -22.85
CA GLU C 153 5.20 13.08 -22.90
C GLU C 153 6.01 12.01 -23.56
N LEU C 154 5.83 10.74 -23.13
CA LEU C 154 6.57 9.67 -23.78
C LEU C 154 6.22 9.59 -25.27
N TYR C 155 4.95 9.80 -25.60
CA TYR C 155 4.53 9.68 -26.99
C TYR C 155 5.02 10.78 -27.91
N LYS C 156 5.72 11.81 -27.41
CA LYS C 156 6.29 12.88 -28.20
C LYS C 156 7.41 12.33 -29.04
N ASN C 157 7.97 11.19 -28.61
CA ASN C 157 8.92 10.44 -29.38
C ASN C 157 8.08 9.54 -30.30
N PRO C 158 8.20 9.73 -31.61
CA PRO C 158 7.40 9.00 -32.60
C PRO C 158 7.76 7.53 -32.68
N LYS C 159 8.91 7.12 -32.11
CA LYS C 159 9.26 5.72 -32.17
C LYS C 159 8.63 4.97 -30.98
N VAL C 160 7.96 5.67 -30.08
CA VAL C 160 7.28 4.97 -28.99
C VAL C 160 5.91 4.55 -29.58
N LEU C 161 5.77 3.27 -29.87
CA LEU C 161 4.54 2.77 -30.48
C LEU C 161 3.35 2.68 -29.55
N GLY C 162 3.60 2.43 -28.26
CA GLY C 162 2.53 2.23 -27.30
C GLY C 162 3.02 1.49 -26.04
N VAL C 163 2.09 0.83 -25.35
CA VAL C 163 2.42 0.29 -24.02
C VAL C 163 1.99 -1.13 -23.78
N LYS C 164 2.78 -1.91 -23.03
CA LYS C 164 2.35 -3.25 -22.59
C LYS C 164 1.70 -2.95 -21.22
N PHE C 165 0.40 -2.90 -21.18
CA PHE C 165 -0.39 -2.51 -20.02
C PHE C 165 -0.52 -3.66 -19.02
N THR C 166 0.05 -3.45 -17.84
CA THR C 166 0.10 -4.51 -16.83
C THR C 166 -0.72 -4.27 -15.58
N ALA C 167 -1.03 -3.05 -15.16
CA ALA C 167 -1.79 -2.87 -13.92
C ALA C 167 -3.27 -2.94 -14.21
N GLY C 168 -4.07 -3.61 -13.37
CA GLY C 168 -5.50 -3.75 -13.66
C GLY C 168 -6.29 -2.50 -13.28
N ASP C 169 -6.12 -1.45 -14.08
CA ASP C 169 -6.79 -0.17 -13.87
C ASP C 169 -7.48 0.10 -15.23
N PHE C 170 -8.73 -0.32 -15.28
CA PHE C 170 -9.47 -0.26 -16.53
C PHE C 170 -9.96 1.15 -16.82
N TYR C 171 -9.98 2.02 -15.80
CA TYR C 171 -10.38 3.42 -16.09
C TYR C 171 -9.20 4.01 -16.86
N LEU C 172 -7.99 3.80 -16.33
CA LEU C 172 -6.82 4.32 -17.01
C LEU C 172 -6.69 3.71 -18.40
N LEU C 173 -7.03 2.43 -18.60
CA LEU C 173 -6.92 1.80 -19.89
C LEU C 173 -7.83 2.50 -20.92
N GLU C 174 -9.05 2.74 -20.53
CA GLU C 174 -10.01 3.47 -21.35
C GLU C 174 -9.45 4.86 -21.65
N ARG C 175 -8.98 5.60 -20.64
CA ARG C 175 -8.49 6.96 -20.90
C ARG C 175 -7.35 7.02 -21.91
N LEU C 176 -6.45 6.06 -21.82
CA LEU C 176 -5.26 6.02 -22.65
C LEU C 176 -5.63 5.74 -24.09
N LYS C 177 -6.56 4.80 -24.28
CA LYS C 177 -7.01 4.50 -25.65
C LYS C 177 -7.77 5.69 -26.20
N LYS C 178 -8.57 6.35 -25.37
CA LYS C 178 -9.34 7.53 -25.81
C LYS C 178 -8.42 8.67 -26.23
N ALA C 179 -7.49 8.99 -25.33
CA ALA C 179 -6.56 10.09 -25.53
C ALA C 179 -5.58 9.91 -26.65
N TYR C 180 -5.06 8.69 -26.86
CA TYR C 180 -4.08 8.36 -27.89
C TYR C 180 -4.58 7.22 -28.76
N PRO C 181 -5.60 7.47 -29.60
CA PRO C 181 -6.20 6.47 -30.46
C PRO C 181 -5.34 5.89 -31.56
N ASN C 182 -4.19 6.47 -31.90
CA ASN C 182 -3.38 5.84 -32.92
C ASN C 182 -2.15 5.19 -32.28
N HIS C 183 -2.08 5.11 -30.95
CA HIS C 183 -0.98 4.38 -30.31
C HIS C 183 -1.53 3.02 -29.86
N LEU C 184 -0.67 2.01 -29.73
CA LEU C 184 -1.12 0.67 -29.43
C LEU C 184 -1.07 0.32 -27.95
N ILE C 185 -1.95 -0.62 -27.57
CA ILE C 185 -1.93 -1.16 -26.21
C ILE C 185 -1.94 -2.69 -26.27
N TRP C 186 -1.07 -3.36 -25.53
CA TRP C 186 -1.05 -4.81 -25.43
C TRP C 186 -1.42 -5.16 -23.98
N ALA C 187 -2.46 -5.95 -23.81
CA ALA C 187 -2.87 -6.31 -22.42
C ALA C 187 -1.81 -7.29 -21.91
N GLY C 188 -1.46 -7.19 -20.63
CA GLY C 188 -0.43 -8.05 -20.08
C GLY C 188 -1.04 -9.08 -19.10
N PHE C 189 -2.32 -8.94 -18.80
CA PHE C 189 -3.01 -9.83 -17.89
C PHE C 189 -3.90 -10.81 -18.64
N ASP C 190 -3.44 -12.03 -18.83
CA ASP C 190 -4.15 -13.10 -19.55
C ASP C 190 -5.55 -13.35 -19.03
N GLU C 191 -5.77 -13.32 -17.72
CA GLU C 191 -6.98 -13.61 -17.03
C GLU C 191 -7.98 -12.46 -17.09
N MET C 192 -7.61 -11.31 -17.67
CA MET C 192 -8.46 -10.16 -17.83
C MET C 192 -8.49 -9.72 -19.32
N MET C 193 -8.21 -10.68 -20.18
CA MET C 193 -8.18 -10.44 -21.62
C MET C 193 -9.50 -9.89 -22.15
N LEU C 194 -10.62 -10.51 -21.84
CA LEU C 194 -11.94 -10.11 -22.27
C LEU C 194 -12.27 -8.65 -21.98
N PRO C 195 -12.29 -8.19 -20.73
CA PRO C 195 -12.50 -6.78 -20.42
C PRO C 195 -11.52 -5.86 -21.12
N ALA C 196 -10.25 -6.18 -21.29
CA ALA C 196 -9.28 -5.36 -21.98
C ALA C 196 -9.67 -5.26 -23.47
N ALA C 197 -10.04 -6.37 -24.08
CA ALA C 197 -10.46 -6.40 -25.48
C ALA C 197 -11.75 -5.60 -25.66
N SER C 198 -12.61 -5.48 -24.65
CA SER C 198 -13.82 -4.71 -24.72
C SER C 198 -13.52 -3.22 -24.76
N LEU C 199 -12.35 -2.77 -24.25
CA LEU C 199 -11.99 -1.38 -24.27
C LEU C 199 -11.09 -1.06 -25.48
N GLY C 200 -10.89 -1.99 -26.38
CA GLY C 200 -10.12 -1.73 -27.57
C GLY C 200 -8.63 -2.00 -27.59
N VAL C 201 -8.11 -2.91 -26.74
CA VAL C 201 -6.66 -3.12 -26.79
C VAL C 201 -6.30 -3.76 -28.12
N ASP C 202 -5.10 -3.60 -28.59
CA ASP C 202 -4.69 -4.06 -29.89
C ASP C 202 -4.11 -5.47 -29.91
N GLY C 203 -3.84 -6.02 -28.72
CA GLY C 203 -3.22 -7.34 -28.65
C GLY C 203 -2.95 -7.70 -27.18
N ALA C 204 -2.05 -8.67 -27.00
CA ALA C 204 -1.84 -9.15 -25.63
C ALA C 204 -0.48 -9.85 -25.67
N ILE C 205 0.22 -9.72 -24.55
CA ILE C 205 1.54 -10.30 -24.34
C ILE C 205 1.37 -11.11 -23.06
N GLY C 206 1.52 -12.44 -23.12
CA GLY C 206 1.21 -13.23 -21.93
C GLY C 206 2.03 -14.48 -21.75
N SER C 207 2.20 -14.88 -20.48
CA SER C 207 2.96 -16.10 -20.23
C SER C 207 2.10 -17.33 -20.56
N THR C 208 0.80 -17.34 -20.30
CA THR C 208 -0.01 -18.53 -20.46
C THR C 208 -0.26 -18.93 -21.91
N PHE C 209 0.02 -18.03 -22.85
CA PHE C 209 -0.14 -18.32 -24.28
C PHE C 209 0.81 -19.36 -24.78
N ASN C 210 1.90 -19.66 -24.05
CA ASN C 210 2.85 -20.68 -24.38
C ASN C 210 2.12 -22.04 -24.34
N VAL C 211 1.03 -22.18 -23.59
CA VAL C 211 0.30 -23.44 -23.57
C VAL C 211 -1.18 -23.24 -23.87
N ASN C 212 -1.70 -22.03 -23.67
CA ASN C 212 -3.13 -21.81 -23.94
C ASN C 212 -3.39 -20.81 -25.06
N GLY C 213 -2.52 -20.75 -26.06
CA GLY C 213 -2.57 -19.78 -27.16
C GLY C 213 -3.82 -19.95 -28.04
N VAL C 214 -4.33 -21.19 -28.12
CA VAL C 214 -5.57 -21.39 -28.92
C VAL C 214 -6.73 -20.65 -28.31
N ARG C 215 -7.03 -20.84 -27.03
CA ARG C 215 -8.08 -20.12 -26.33
C ARG C 215 -7.76 -18.62 -26.24
N ALA C 216 -6.48 -18.25 -26.06
CA ALA C 216 -6.24 -16.78 -25.93
C ALA C 216 -6.69 -16.06 -27.20
N ARG C 217 -6.31 -16.65 -28.36
CA ARG C 217 -6.73 -16.02 -29.64
C ARG C 217 -8.25 -15.94 -29.72
N GLN C 218 -8.92 -17.04 -29.37
CA GLN C 218 -10.40 -17.06 -29.41
C GLN C 218 -11.07 -15.95 -28.66
N ILE C 219 -10.67 -15.77 -27.37
CA ILE C 219 -11.24 -14.74 -26.54
C ILE C 219 -11.03 -13.36 -27.20
N PHE C 220 -9.82 -13.14 -27.68
CA PHE C 220 -9.51 -11.82 -28.27
C PHE C 220 -10.35 -11.59 -29.54
N GLU C 221 -10.33 -12.51 -30.47
CA GLU C 221 -11.05 -12.39 -31.74
C GLU C 221 -12.57 -12.32 -31.53
N LEU C 222 -13.09 -13.20 -30.66
CA LEU C 222 -14.53 -13.16 -30.37
C LEU C 222 -14.92 -11.88 -29.69
N THR C 223 -14.15 -11.37 -28.74
CA THR C 223 -14.51 -10.11 -28.08
C THR C 223 -14.45 -8.96 -29.06
N LYS C 224 -13.44 -8.90 -29.91
CA LYS C 224 -13.38 -7.82 -30.87
C LYS C 224 -14.58 -7.83 -31.82
N ALA C 225 -15.12 -8.98 -32.16
CA ALA C 225 -16.21 -9.14 -33.10
C ALA C 225 -17.60 -8.93 -32.53
N GLY C 226 -17.71 -8.79 -31.20
CA GLY C 226 -19.02 -8.61 -30.59
C GLY C 226 -19.62 -9.96 -30.18
N LYS C 227 -18.89 -11.07 -30.26
CA LYS C 227 -19.43 -12.37 -29.85
C LYS C 227 -19.12 -12.58 -28.37
N LEU C 228 -19.53 -11.70 -27.51
CA LEU C 228 -19.31 -11.68 -26.09
C LEU C 228 -19.70 -12.94 -25.34
N LYS C 229 -20.81 -13.56 -25.67
CA LYS C 229 -21.21 -14.77 -24.96
C LYS C 229 -20.18 -15.87 -25.15
N GLU C 230 -19.75 -16.04 -26.39
CA GLU C 230 -18.79 -17.06 -26.69
C GLU C 230 -17.47 -16.74 -25.99
N ALA C 231 -17.01 -15.49 -26.12
CA ALA C 231 -15.75 -15.05 -25.52
C ALA C 231 -15.72 -15.30 -24.01
N LEU C 232 -16.79 -14.92 -23.33
CA LEU C 232 -16.83 -15.13 -21.89
C LEU C 232 -16.78 -16.59 -21.44
N GLU C 233 -17.42 -17.52 -22.19
CA GLU C 233 -17.31 -18.92 -21.77
C GLU C 233 -15.86 -19.40 -21.87
N ILE C 234 -15.17 -18.93 -22.91
CA ILE C 234 -13.80 -19.34 -23.13
C ILE C 234 -12.90 -18.60 -22.14
N GLN C 235 -13.26 -17.40 -21.66
CA GLN C 235 -12.45 -16.74 -20.65
C GLN C 235 -12.60 -17.45 -19.28
N HIS C 236 -13.78 -17.99 -19.02
CA HIS C 236 -14.04 -18.75 -17.80
C HIS C 236 -13.20 -20.01 -17.69
N VAL C 237 -13.16 -20.78 -18.78
CA VAL C 237 -12.40 -22.03 -18.82
C VAL C 237 -10.92 -21.69 -18.75
N THR C 238 -10.54 -20.64 -19.48
CA THR C 238 -9.14 -20.18 -19.39
C THR C 238 -8.84 -19.77 -17.94
N ASN C 239 -9.73 -19.08 -17.26
CA ASN C 239 -9.42 -18.62 -15.89
C ASN C 239 -9.37 -19.76 -14.88
N ASP C 240 -10.13 -20.83 -15.18
CA ASP C 240 -9.99 -22.03 -14.34
C ASP C 240 -8.58 -22.55 -14.53
N LEU C 241 -8.07 -22.58 -15.78
CA LEU C 241 -6.73 -23.11 -16.00
C LEU C 241 -5.69 -22.21 -15.29
N ILE C 242 -5.87 -20.93 -15.58
CA ILE C 242 -4.98 -19.91 -15.00
C ILE C 242 -5.04 -19.98 -13.46
N GLU C 243 -6.14 -20.06 -12.79
CA GLU C 243 -6.19 -20.23 -11.33
C GLU C 243 -5.39 -21.46 -10.91
N GLY C 244 -5.50 -22.62 -11.58
CA GLY C 244 -4.67 -23.77 -11.22
C GLY C 244 -3.17 -23.56 -11.44
N ILE C 245 -2.77 -22.88 -12.50
CA ILE C 245 -1.36 -22.61 -12.80
C ILE C 245 -0.77 -21.65 -11.76
N LEU C 246 -1.54 -20.68 -11.37
CA LEU C 246 -1.04 -19.72 -10.36
C LEU C 246 -0.90 -20.42 -8.99
N ALA C 247 -1.87 -21.25 -8.64
CA ALA C 247 -1.76 -21.93 -7.31
C ALA C 247 -0.63 -22.93 -7.30
N ASN C 248 -0.38 -23.62 -8.40
CA ASN C 248 0.63 -24.65 -8.52
C ASN C 248 2.04 -24.10 -8.72
N GLY C 249 2.23 -22.88 -9.17
CA GLY C 249 3.54 -22.27 -9.37
C GLY C 249 3.63 -21.87 -10.84
N LEU C 250 3.46 -20.60 -11.16
CA LEU C 250 3.36 -20.16 -12.56
C LEU C 250 4.38 -20.74 -13.48
N TYR C 251 5.67 -20.41 -13.28
CA TYR C 251 6.73 -20.81 -14.16
C TYR C 251 6.93 -22.31 -14.31
N LEU C 252 7.00 -23.03 -13.18
CA LEU C 252 7.18 -24.46 -13.28
C LEU C 252 5.94 -25.13 -13.90
N THR C 253 4.77 -24.59 -13.58
CA THR C 253 3.59 -25.28 -14.13
C THR C 253 3.59 -25.18 -15.65
N ILE C 254 3.79 -23.97 -16.20
CA ILE C 254 3.81 -23.84 -17.65
C ILE C 254 4.89 -24.75 -18.23
N LYS C 255 6.09 -24.76 -17.64
CA LYS C 255 7.09 -25.71 -18.17
C LYS C 255 6.61 -27.16 -18.02
N GLU C 256 5.93 -27.54 -16.93
CA GLU C 256 5.52 -28.95 -16.83
C GLU C 256 4.45 -29.24 -17.88
N LEU C 257 3.61 -28.28 -18.23
CA LEU C 257 2.59 -28.44 -19.23
C LEU C 257 3.21 -28.61 -20.62
N LEU C 258 4.29 -27.90 -20.86
CA LEU C 258 5.05 -28.02 -22.12
C LEU C 258 5.70 -29.39 -22.24
N LYS C 259 6.27 -29.89 -21.10
CA LYS C 259 6.84 -31.24 -21.17
C LYS C 259 5.75 -32.27 -21.47
N LEU C 260 4.48 -32.04 -21.09
CA LEU C 260 3.46 -33.05 -21.48
C LEU C 260 3.11 -32.98 -22.95
N GLU C 261 3.59 -32.00 -23.70
CA GLU C 261 3.41 -31.84 -25.12
C GLU C 261 4.69 -32.24 -25.83
N GLY C 262 5.64 -32.84 -25.09
CA GLY C 262 6.87 -33.27 -25.70
C GLY C 262 7.92 -32.17 -25.90
N VAL C 263 7.78 -31.06 -25.19
CA VAL C 263 8.77 -29.98 -25.33
C VAL C 263 9.72 -30.05 -24.13
N ASP C 264 11.02 -30.10 -24.35
CA ASP C 264 11.92 -30.11 -23.16
C ASP C 264 11.99 -28.72 -22.54
N ALA C 265 10.96 -28.25 -21.83
CA ALA C 265 10.98 -26.93 -21.25
C ALA C 265 11.97 -26.76 -20.08
N GLY C 266 12.58 -27.83 -19.60
CA GLY C 266 13.62 -27.84 -18.62
C GLY C 266 13.27 -27.32 -17.24
N TYR C 267 14.31 -26.77 -16.60
CA TYR C 267 14.17 -26.30 -15.22
C TYR C 267 14.00 -24.79 -15.13
N CYS C 268 13.60 -24.29 -13.98
CA CYS C 268 13.64 -22.84 -13.76
C CYS C 268 15.08 -22.51 -13.30
N ARG C 269 15.40 -21.24 -13.44
CA ARG C 269 16.71 -20.69 -13.10
C ARG C 269 16.71 -20.14 -11.67
N GLU C 270 17.71 -20.52 -10.88
CA GLU C 270 17.87 -19.96 -9.55
C GLU C 270 18.29 -18.47 -9.43
N PRO C 271 17.48 -17.71 -8.73
CA PRO C 271 16.99 -17.88 -7.41
C PRO C 271 15.60 -18.54 -7.47
N MET C 272 15.02 -18.67 -8.67
CA MET C 272 13.69 -19.32 -8.68
C MET C 272 13.83 -20.79 -8.29
N THR C 273 12.79 -21.39 -7.70
CA THR C 273 12.90 -22.82 -7.34
C THR C 273 13.10 -23.57 -8.65
N SER C 274 14.20 -24.26 -8.84
CA SER C 274 14.49 -24.86 -10.13
C SER C 274 13.72 -26.10 -10.55
N LYS C 275 13.44 -27.05 -9.66
CA LYS C 275 12.79 -28.30 -10.00
C LYS C 275 11.39 -28.40 -9.39
N ALA C 276 10.45 -28.90 -10.20
CA ALA C 276 9.09 -29.02 -9.68
C ALA C 276 9.02 -30.20 -8.72
N THR C 277 8.16 -30.12 -7.70
CA THR C 277 8.02 -31.23 -6.78
C THR C 277 7.12 -32.31 -7.40
N ALA C 278 7.06 -33.50 -6.80
CA ALA C 278 6.15 -34.54 -7.31
C ALA C 278 4.73 -34.01 -7.26
N GLU C 279 4.34 -33.28 -6.24
CA GLU C 279 3.01 -32.72 -6.12
C GLU C 279 2.77 -31.71 -7.27
N GLN C 280 3.76 -30.87 -7.62
CA GLN C 280 3.57 -29.93 -8.73
C GLN C 280 3.48 -30.62 -10.08
N VAL C 281 4.24 -31.70 -10.25
CA VAL C 281 4.19 -32.46 -11.51
C VAL C 281 2.81 -33.12 -11.65
N ALA C 282 2.30 -33.68 -10.53
CA ALA C 282 0.99 -34.33 -10.57
C ALA C 282 -0.13 -33.36 -10.92
N LYS C 283 -0.06 -32.15 -10.36
CA LYS C 283 -1.08 -31.12 -10.59
C LYS C 283 -1.01 -30.64 -12.04
N ALA C 284 0.16 -30.57 -12.63
CA ALA C 284 0.32 -30.18 -14.03
C ALA C 284 -0.33 -31.24 -14.93
N LYS C 285 -0.14 -32.51 -14.55
CA LYS C 285 -0.80 -33.60 -15.28
C LYS C 285 -2.30 -33.49 -15.19
N ASP C 286 -2.87 -33.11 -14.07
CA ASP C 286 -4.33 -32.99 -13.99
C ASP C 286 -4.80 -31.79 -14.82
N LEU C 287 -4.08 -30.68 -14.74
CA LEU C 287 -4.41 -29.50 -15.54
C LEU C 287 -4.34 -29.81 -17.03
N LYS C 288 -3.32 -30.58 -17.42
CA LYS C 288 -3.24 -31.00 -18.82
C LYS C 288 -4.48 -31.79 -19.18
N ALA C 289 -4.80 -32.82 -18.37
CA ALA C 289 -5.96 -33.65 -18.68
C ALA C 289 -7.26 -32.89 -18.80
N LYS C 290 -7.56 -32.00 -17.85
CA LYS C 290 -8.83 -31.30 -17.85
C LYS C 290 -8.94 -30.16 -18.86
N PHE C 291 -7.86 -29.47 -19.16
CA PHE C 291 -7.94 -28.26 -19.95
C PHE C 291 -7.22 -28.31 -21.27
N LEU C 292 -6.20 -29.12 -21.47
CA LEU C 292 -5.40 -29.01 -22.70
C LEU C 292 -5.25 -30.35 -23.40
N SER C 293 -6.30 -31.15 -23.38
CA SER C 293 -6.25 -32.44 -24.08
C SER C 293 -7.39 -32.53 -25.09
N MET D 1 -4.26 24.99 35.56
CA MET D 1 -4.46 24.06 34.39
C MET D 1 -3.84 22.70 34.72
N ARG D 2 -4.57 21.65 34.38
CA ARG D 2 -4.13 20.31 34.69
C ARG D 2 -2.99 19.90 33.78
N ASP D 3 -1.90 19.42 34.37
CA ASP D 3 -0.78 18.92 33.59
C ASP D 3 -1.23 17.71 32.74
N LEU D 4 -1.09 17.77 31.43
CA LEU D 4 -1.49 16.64 30.57
C LEU D 4 -0.36 15.71 30.17
N LYS D 5 0.85 15.90 30.70
CA LYS D 5 1.99 15.06 30.34
C LYS D 5 1.91 13.70 31.01
N GLY D 6 2.70 12.71 30.58
CA GLY D 6 2.69 11.45 31.32
C GLY D 6 1.94 10.26 30.73
N ILE D 7 1.60 9.36 31.68
CA ILE D 7 1.01 8.08 31.33
C ILE D 7 -0.51 8.08 31.40
N PHE D 8 -1.12 7.86 30.22
CA PHE D 8 -2.59 7.88 30.12
C PHE D 8 -3.04 6.51 29.64
N SER D 9 -3.96 5.86 30.33
CA SER D 9 -4.47 4.60 29.85
C SER D 9 -5.63 5.00 28.92
N ALA D 10 -5.75 4.34 27.78
CA ALA D 10 -6.92 4.55 26.90
C ALA D 10 -7.96 3.60 27.48
N LEU D 11 -8.98 4.14 28.14
CA LEU D 11 -9.89 3.38 28.94
C LEU D 11 -10.73 2.36 28.16
N LEU D 12 -10.66 1.13 28.69
CA LEU D 12 -11.50 0.04 28.17
C LEU D 12 -12.84 0.17 28.90
N VAL D 13 -13.87 -0.33 28.26
CA VAL D 13 -15.21 -0.26 28.76
C VAL D 13 -15.77 -1.67 28.98
N SER D 14 -16.50 -1.87 30.08
CA SER D 14 -17.08 -3.19 30.33
C SER D 14 -18.47 -3.26 29.72
N PHE D 15 -18.79 -4.27 28.90
CA PHE D 15 -20.09 -4.38 28.29
C PHE D 15 -20.76 -5.67 28.79
N ASN D 16 -22.07 -5.65 28.91
CA ASN D 16 -22.84 -6.81 29.28
C ASN D 16 -22.90 -7.69 28.05
N GLU D 17 -23.43 -8.90 28.26
CA GLU D 17 -23.56 -9.83 27.15
C GLU D 17 -24.42 -9.24 26.04
N ASP D 18 -25.43 -8.45 26.36
CA ASP D 18 -26.31 -7.88 25.34
C ASP D 18 -25.68 -6.65 24.70
N GLY D 19 -24.47 -6.27 25.05
CA GLY D 19 -23.82 -5.12 24.49
C GLY D 19 -24.02 -3.81 25.22
N THR D 20 -24.86 -3.73 26.21
CA THR D 20 -25.09 -2.50 26.96
C THR D 20 -23.88 -2.32 27.90
N ILE D 21 -23.70 -1.09 28.33
CA ILE D 21 -22.57 -0.80 29.23
C ILE D 21 -22.80 -1.39 30.62
N ASN D 22 -21.76 -1.99 31.18
CA ASN D 22 -21.81 -2.52 32.54
C ASN D 22 -21.22 -1.41 33.43
N GLU D 23 -22.07 -0.59 34.05
CA GLU D 23 -21.54 0.52 34.83
C GLU D 23 -20.61 0.08 35.96
N LYS D 24 -21.05 -0.90 36.74
CA LYS D 24 -20.25 -1.39 37.87
C LYS D 24 -18.86 -1.79 37.38
N GLY D 25 -18.89 -2.59 36.32
CA GLY D 25 -17.65 -3.07 35.70
C GLY D 25 -16.77 -1.90 35.28
N LEU D 26 -17.37 -0.91 34.60
CA LEU D 26 -16.60 0.23 34.12
C LEU D 26 -15.92 0.95 35.26
N ARG D 27 -16.63 1.22 36.36
CA ARG D 27 -16.02 1.87 37.50
C ARG D 27 -14.88 1.01 38.09
N GLN D 28 -14.98 -0.32 38.08
CA GLN D 28 -13.90 -1.15 38.51
C GLN D 28 -12.70 -1.00 37.56
N ILE D 29 -12.89 -0.83 36.26
CA ILE D 29 -11.76 -0.63 35.36
C ILE D 29 -11.12 0.71 35.69
N ILE D 30 -11.91 1.74 35.91
CA ILE D 30 -11.43 3.06 36.28
C ILE D 30 -10.60 3.01 37.56
N ARG D 31 -11.13 2.41 38.62
CA ARG D 31 -10.43 2.30 39.90
C ARG D 31 -9.13 1.54 39.74
N HIS D 32 -9.14 0.44 38.99
CA HIS D 32 -7.87 -0.28 38.80
C HIS D 32 -6.80 0.61 38.20
N ASN D 33 -7.15 1.38 37.17
CA ASN D 33 -6.17 2.24 36.51
C ASN D 33 -5.64 3.35 37.44
N ILE D 34 -6.52 3.96 38.24
CA ILE D 34 -6.06 5.04 39.10
C ILE D 34 -5.23 4.46 40.24
N ASP D 35 -5.76 3.49 40.93
CA ASP D 35 -5.23 2.90 42.13
C ASP D 35 -4.18 1.85 42.01
N LYS D 36 -4.21 1.04 40.95
CA LYS D 36 -3.28 -0.04 40.71
C LYS D 36 -2.24 0.31 39.63
N MET D 37 -2.76 0.83 38.50
CA MET D 37 -1.83 1.17 37.44
C MET D 37 -1.17 2.52 37.74
N LYS D 38 -1.68 3.32 38.64
CA LYS D 38 -1.10 4.62 38.97
C LYS D 38 -0.85 5.51 37.77
N VAL D 39 -1.83 5.57 36.85
CA VAL D 39 -1.70 6.37 35.66
C VAL D 39 -1.87 7.83 36.04
N ASP D 40 -1.32 8.71 35.23
CA ASP D 40 -1.48 10.15 35.36
C ASP D 40 -2.85 10.59 34.85
N GLY D 41 -3.47 9.79 33.97
CA GLY D 41 -4.79 10.19 33.43
C GLY D 41 -5.45 9.12 32.57
N LEU D 42 -6.68 9.41 32.13
CA LEU D 42 -7.39 8.47 31.25
C LEU D 42 -7.77 9.20 29.95
N TYR D 43 -7.70 8.48 28.86
CA TYR D 43 -8.14 9.00 27.54
C TYR D 43 -9.42 8.19 27.29
N VAL D 44 -10.54 8.91 27.42
CA VAL D 44 -11.84 8.27 27.39
C VAL D 44 -12.51 8.48 26.03
N GLY D 45 -13.12 7.43 25.50
CA GLY D 45 -13.81 7.42 24.24
C GLY D 45 -12.91 7.15 23.04
N GLY D 46 -11.75 6.57 23.31
CA GLY D 46 -10.83 6.26 22.22
C GLY D 46 -11.20 4.98 21.52
N SER D 47 -10.42 4.57 20.52
CA SER D 47 -10.76 3.30 19.87
C SER D 47 -10.62 2.19 20.92
N THR D 48 -9.79 2.35 21.96
CA THR D 48 -9.67 1.26 22.94
C THR D 48 -10.97 1.08 23.73
N GLY D 49 -11.77 2.14 23.87
CA GLY D 49 -13.03 2.05 24.60
C GLY D 49 -14.15 1.51 23.70
N GLU D 50 -13.84 1.04 22.49
CA GLU D 50 -14.83 0.47 21.58
C GLU D 50 -15.84 1.54 21.15
N ASN D 51 -15.35 2.78 21.21
CA ASN D 51 -16.12 3.98 21.01
C ASN D 51 -16.89 4.04 19.70
N PHE D 52 -16.20 3.70 18.60
CA PHE D 52 -16.84 3.84 17.29
C PHE D 52 -17.90 2.82 16.99
N MET D 53 -18.22 1.88 17.88
CA MET D 53 -19.30 0.89 17.66
C MET D 53 -20.51 1.28 18.49
N LEU D 54 -20.49 2.41 19.19
CA LEU D 54 -21.55 2.80 20.10
C LEU D 54 -22.41 3.96 19.62
N SER D 55 -23.53 4.16 20.30
CA SER D 55 -24.43 5.27 20.02
C SER D 55 -23.96 6.48 20.75
N THR D 56 -24.38 7.68 20.30
CA THR D 56 -24.00 8.96 20.89
C THR D 56 -24.43 9.00 22.35
N GLU D 57 -25.57 8.47 22.73
CA GLU D 57 -26.00 8.42 24.11
C GLU D 57 -25.07 7.52 24.95
N GLU D 58 -24.65 6.41 24.35
CA GLU D 58 -23.75 5.52 25.11
C GLU D 58 -22.41 6.19 25.37
N LYS D 59 -21.91 6.87 24.34
CA LYS D 59 -20.65 7.61 24.50
C LYS D 59 -20.79 8.60 25.64
N LYS D 60 -21.90 9.34 25.66
CA LYS D 60 -22.11 10.30 26.75
C LYS D 60 -22.17 9.60 28.09
N GLU D 61 -22.88 8.48 28.22
CA GLU D 61 -22.88 7.76 29.50
C GLU D 61 -21.48 7.36 29.95
N ILE D 62 -20.66 6.88 29.00
CA ILE D 62 -19.28 6.53 29.38
C ILE D 62 -18.57 7.79 29.90
N PHE D 63 -18.75 8.96 29.23
CA PHE D 63 -18.09 10.15 29.75
C PHE D 63 -18.61 10.52 31.14
N ARG D 64 -19.89 10.41 31.41
CA ARG D 64 -20.46 10.75 32.70
C ARG D 64 -19.85 9.83 33.76
N ILE D 65 -19.91 8.53 33.54
CA ILE D 65 -19.35 7.57 34.47
C ILE D 65 -17.86 7.75 34.72
N ALA D 66 -17.03 7.94 33.69
CA ALA D 66 -15.60 8.06 33.98
C ALA D 66 -15.30 9.28 34.83
N LYS D 67 -16.00 10.40 34.59
CA LYS D 67 -15.73 11.61 35.35
C LYS D 67 -16.31 11.55 36.77
N ASP D 68 -17.47 10.92 36.94
CA ASP D 68 -18.02 10.74 38.27
C ASP D 68 -17.13 9.79 39.07
N GLU D 69 -16.55 8.78 38.42
CA GLU D 69 -15.72 7.83 39.14
C GLU D 69 -14.33 8.39 39.45
N ALA D 70 -13.68 9.13 38.54
CA ALA D 70 -12.33 9.59 38.78
C ALA D 70 -12.25 10.92 39.52
N LYS D 71 -13.34 11.66 39.54
CA LYS D 71 -13.39 12.98 40.17
C LYS D 71 -12.22 13.81 39.69
N ASP D 72 -11.37 14.29 40.60
CA ASP D 72 -10.24 15.09 40.14
C ASP D 72 -8.92 14.50 40.60
N GLN D 73 -8.91 13.19 40.78
CA GLN D 73 -7.75 12.43 41.17
C GLN D 73 -6.73 12.30 40.05
N ILE D 74 -7.14 12.41 38.78
CA ILE D 74 -6.28 12.30 37.62
C ILE D 74 -6.70 13.26 36.49
N ALA D 75 -5.85 13.35 35.48
CA ALA D 75 -6.19 14.10 34.28
C ALA D 75 -7.16 13.28 33.41
N LEU D 76 -8.04 13.95 32.66
CA LEU D 76 -9.02 13.27 31.83
C LEU D 76 -9.10 13.93 30.46
N ILE D 77 -8.86 13.15 29.41
CA ILE D 77 -8.99 13.66 28.03
C ILE D 77 -10.23 13.02 27.41
N ALA D 78 -11.09 13.74 26.70
CA ALA D 78 -12.24 13.06 26.09
C ALA D 78 -12.12 13.03 24.56
N GLN D 79 -12.13 11.84 23.97
CA GLN D 79 -12.03 11.66 22.52
C GLN D 79 -13.45 11.75 22.00
N VAL D 80 -13.70 12.73 21.12
CA VAL D 80 -15.06 12.98 20.67
C VAL D 80 -15.16 13.03 19.15
N GLY D 81 -14.08 12.69 18.45
CA GLY D 81 -14.13 12.69 17.00
C GLY D 81 -15.23 11.81 16.44
N SER D 82 -15.55 12.10 15.17
CA SER D 82 -16.58 11.37 14.45
C SER D 82 -16.57 11.75 12.97
N VAL D 83 -17.20 10.94 12.12
CA VAL D 83 -17.34 11.40 10.71
C VAL D 83 -18.50 12.42 10.67
N ASN D 84 -19.34 12.41 11.69
CA ASN D 84 -20.42 13.33 11.92
C ASN D 84 -19.90 14.50 12.73
N LEU D 85 -19.62 15.64 12.06
CA LEU D 85 -19.10 16.80 12.79
C LEU D 85 -20.08 17.32 13.80
N LYS D 86 -21.38 17.27 13.58
CA LYS D 86 -22.34 17.74 14.60
C LYS D 86 -22.30 16.82 15.81
N GLU D 87 -22.08 15.51 15.56
CA GLU D 87 -21.95 14.60 16.69
C GLU D 87 -20.68 14.97 17.45
N ALA D 88 -19.60 15.23 16.72
CA ALA D 88 -18.35 15.62 17.38
C ALA D 88 -18.56 16.84 18.27
N VAL D 89 -19.24 17.86 17.75
CA VAL D 89 -19.54 19.08 18.49
C VAL D 89 -20.39 18.80 19.72
N GLU D 90 -21.48 18.06 19.52
CA GLU D 90 -22.37 17.67 20.59
C GLU D 90 -21.59 16.94 21.69
N LEU D 91 -20.75 15.95 21.35
CA LEU D 91 -19.99 15.20 22.37
C LEU D 91 -18.95 16.06 23.08
N GLY D 92 -18.30 16.93 22.29
CA GLY D 92 -17.32 17.86 22.85
C GLY D 92 -17.95 18.80 23.86
N LYS D 93 -19.14 19.34 23.55
CA LYS D 93 -19.77 20.24 24.52
C LYS D 93 -20.07 19.49 25.82
N TYR D 94 -20.63 18.29 25.69
CA TYR D 94 -20.97 17.48 26.88
C TYR D 94 -19.73 17.22 27.71
N ALA D 95 -18.64 16.77 27.10
CA ALA D 95 -17.42 16.48 27.87
C ALA D 95 -16.88 17.74 28.50
N THR D 96 -17.00 18.86 27.74
CA THR D 96 -16.49 20.10 28.34
C THR D 96 -17.34 20.47 29.54
N GLU D 97 -18.66 20.28 29.42
CA GLU D 97 -19.56 20.59 30.54
C GLU D 97 -19.29 19.71 31.75
N LEU D 98 -18.86 18.46 31.56
CA LEU D 98 -18.55 17.55 32.64
C LEU D 98 -17.21 17.88 33.30
N GLY D 99 -16.38 18.75 32.75
CA GLY D 99 -15.10 19.06 33.41
C GLY D 99 -13.90 18.36 32.82
N TYR D 100 -14.03 17.72 31.66
CA TYR D 100 -12.84 17.07 31.05
C TYR D 100 -11.80 18.14 30.77
N ASP D 101 -10.53 17.82 31.01
CA ASP D 101 -9.42 18.75 30.91
C ASP D 101 -9.11 19.18 29.49
N CYS D 102 -9.33 18.26 28.54
CA CYS D 102 -8.99 18.53 27.14
C CYS D 102 -9.79 17.59 26.24
N LEU D 103 -9.97 18.00 24.99
CA LEU D 103 -10.67 17.09 24.05
C LEU D 103 -9.62 16.50 23.11
N SER D 104 -10.00 15.45 22.39
CA SER D 104 -9.10 14.89 21.37
C SER D 104 -10.07 14.45 20.26
N ALA D 105 -9.62 14.30 19.03
CA ALA D 105 -10.58 13.91 18.00
C ALA D 105 -9.86 13.31 16.80
N VAL D 106 -10.40 12.17 16.34
CA VAL D 106 -9.80 11.58 15.13
C VAL D 106 -10.07 12.42 13.89
N THR D 107 -9.18 12.42 12.90
CA THR D 107 -9.49 13.08 11.62
C THR D 107 -10.72 12.38 11.10
N PRO D 108 -11.71 13.04 10.53
CA PRO D 108 -12.91 12.37 10.05
C PRO D 108 -12.49 11.36 8.99
N PHE D 109 -13.14 10.21 8.95
CA PHE D 109 -12.68 9.10 8.11
C PHE D 109 -13.83 8.60 7.25
N TYR D 110 -13.69 7.40 6.71
CA TYR D 110 -14.60 6.82 5.73
C TYR D 110 -14.32 7.55 4.41
N TYR D 111 -14.73 8.81 4.28
CA TYR D 111 -14.45 9.59 3.07
C TYR D 111 -13.02 10.12 3.09
N LYS D 112 -12.50 10.50 1.95
CA LYS D 112 -11.18 11.11 1.81
C LYS D 112 -11.24 12.62 1.97
N PHE D 113 -11.21 13.18 3.16
CA PHE D 113 -11.29 14.63 3.30
C PHE D 113 -10.02 15.39 2.92
N SER D 114 -10.19 16.63 2.43
CA SER D 114 -9.02 17.46 2.15
C SER D 114 -8.45 18.00 3.48
N PHE D 115 -7.22 18.52 3.38
CA PHE D 115 -6.60 19.17 4.53
C PHE D 115 -7.42 20.37 4.99
N PRO D 116 -7.86 21.25 4.11
CA PRO D 116 -8.68 22.38 4.52
C PRO D 116 -9.89 21.90 5.29
N GLU D 117 -10.48 20.76 4.85
CA GLU D 117 -11.66 20.25 5.54
C GLU D 117 -11.33 19.79 6.95
N ILE D 118 -10.20 19.07 7.03
CA ILE D 118 -9.74 18.52 8.30
C ILE D 118 -9.42 19.64 9.31
N LYS D 119 -8.78 20.68 8.79
CA LYS D 119 -8.51 21.85 9.67
C LYS D 119 -9.81 22.53 10.07
N HIS D 120 -10.79 22.61 9.15
CA HIS D 120 -12.07 23.20 9.51
C HIS D 120 -12.81 22.34 10.54
N TYR D 121 -12.64 21.02 10.45
CA TYR D 121 -13.34 20.15 11.46
C TYR D 121 -12.78 20.43 12.83
N TYR D 122 -11.45 20.45 12.96
CA TYR D 122 -10.84 20.74 14.27
C TYR D 122 -11.21 22.13 14.76
N ASP D 123 -11.11 23.18 13.96
CA ASP D 123 -11.46 24.54 14.33
C ASP D 123 -12.90 24.69 14.78
N THR D 124 -13.84 23.94 14.19
CA THR D 124 -15.24 24.04 14.56
C THR D 124 -15.51 23.43 15.93
N ILE D 125 -14.86 22.30 16.16
CA ILE D 125 -15.04 21.56 17.43
C ILE D 125 -14.51 22.46 18.55
N ILE D 126 -13.35 23.05 18.30
CA ILE D 126 -12.73 23.94 19.27
C ILE D 126 -13.63 25.16 19.49
N ALA D 127 -14.05 25.73 18.37
CA ALA D 127 -14.76 27.04 18.42
C ALA D 127 -16.08 26.82 19.13
N GLU D 128 -16.81 25.73 18.74
CA GLU D 128 -18.07 25.42 19.36
C GLU D 128 -18.00 24.97 20.81
N THR D 129 -16.87 24.49 21.32
CA THR D 129 -16.81 23.98 22.67
C THR D 129 -16.11 24.90 23.65
N GLY D 130 -15.09 25.55 23.13
CA GLY D 130 -14.26 26.41 23.98
C GLY D 130 -13.09 25.60 24.53
N SER D 131 -13.01 24.31 24.23
CA SER D 131 -11.97 23.45 24.73
C SER D 131 -10.74 23.28 23.85
N ASN D 132 -9.63 22.92 24.51
CA ASN D 132 -8.37 22.63 23.86
C ASN D 132 -8.44 21.24 23.21
N MET D 133 -7.55 20.98 22.27
CA MET D 133 -7.64 19.81 21.40
C MET D 133 -6.34 19.07 21.14
N ILE D 134 -6.39 17.74 21.12
CA ILE D 134 -5.28 16.89 20.74
C ILE D 134 -5.70 16.15 19.44
N VAL D 135 -5.02 16.41 18.34
CA VAL D 135 -5.38 15.78 17.08
C VAL D 135 -4.75 14.39 16.93
N TYR D 136 -5.25 13.62 15.98
CA TYR D 136 -4.76 12.32 15.60
C TYR D 136 -5.50 11.78 14.38
N SER D 137 -4.82 10.92 13.62
CA SER D 137 -5.40 10.29 12.45
C SER D 137 -5.12 8.77 12.49
N ILE D 138 -5.85 8.02 11.67
CA ILE D 138 -5.64 6.57 11.56
C ILE D 138 -5.02 6.23 10.21
N PRO D 139 -4.49 5.03 10.11
CA PRO D 139 -3.83 4.50 8.91
C PRO D 139 -4.59 3.45 8.14
N ASN D 145 0.11 10.17 5.99
CA ASN D 145 0.38 10.60 7.35
C ASN D 145 0.22 12.08 7.65
N MET D 146 0.27 12.96 6.66
CA MET D 146 0.14 14.40 6.99
C MET D 146 1.42 14.86 7.68
N GLY D 147 2.10 15.75 6.97
CA GLY D 147 3.39 16.23 7.36
C GLY D 147 3.50 17.45 8.25
N ILE D 148 4.76 17.88 8.29
CA ILE D 148 5.18 19.02 9.10
C ILE D 148 4.38 20.26 8.73
N GLU D 149 4.25 20.53 7.44
CA GLU D 149 3.54 21.71 6.97
C GLU D 149 2.07 21.69 7.36
N GLN D 150 1.43 20.54 7.37
CA GLN D 150 0.03 20.45 7.77
C GLN D 150 -0.11 20.59 9.28
N PHE D 151 0.80 20.03 10.08
CA PHE D 151 0.72 20.25 11.53
C PHE D 151 0.96 21.74 11.80
N GLY D 152 1.80 22.45 11.07
CA GLY D 152 1.96 23.90 11.28
C GLY D 152 0.68 24.68 11.09
N GLU D 153 -0.07 24.43 10.04
CA GLU D 153 -1.39 24.99 9.81
C GLU D 153 -2.36 24.61 10.94
N LEU D 154 -2.40 23.35 11.39
CA LEU D 154 -3.33 23.04 12.50
C LEU D 154 -2.94 23.84 13.74
N TYR D 155 -1.62 23.99 13.98
CA TYR D 155 -1.13 24.66 15.15
C TYR D 155 -1.27 26.18 15.09
N LYS D 156 -1.74 26.73 13.98
CA LYS D 156 -2.03 28.19 13.96
C LYS D 156 -3.19 28.47 14.93
N ASN D 157 -4.03 27.47 15.19
CA ASN D 157 -5.07 27.56 16.21
C ASN D 157 -4.35 27.26 17.52
N PRO D 158 -4.22 28.25 18.42
CA PRO D 158 -3.54 28.11 19.68
C PRO D 158 -4.17 27.16 20.67
N LYS D 159 -5.42 26.70 20.44
CA LYS D 159 -6.00 25.72 21.36
C LYS D 159 -5.67 24.29 20.90
N VAL D 160 -4.97 24.11 19.79
CA VAL D 160 -4.52 22.75 19.44
C VAL D 160 -3.22 22.49 20.19
N LEU D 161 -3.22 21.60 21.20
CA LEU D 161 -2.04 21.42 22.04
C LEU D 161 -0.96 20.53 21.47
N GLY D 162 -1.39 19.61 20.59
CA GLY D 162 -0.37 18.70 20.05
C GLY D 162 -1.09 17.49 19.45
N VAL D 163 -0.35 16.39 19.39
CA VAL D 163 -0.85 15.22 18.66
C VAL D 163 -0.66 13.90 19.38
N LYS D 164 -1.60 12.98 19.25
CA LYS D 164 -1.44 11.60 19.76
C LYS D 164 -0.87 10.88 18.54
N PHE D 165 0.41 10.65 18.56
CA PHE D 165 1.16 10.09 17.44
C PHE D 165 1.03 8.58 17.35
N THR D 166 0.35 8.09 16.31
CA THR D 166 0.13 6.65 16.19
C THR D 166 0.86 5.92 15.08
N ALA D 167 1.32 6.55 14.03
CA ALA D 167 2.03 5.89 12.94
C ALA D 167 3.51 5.72 13.30
N GLY D 168 4.09 4.55 13.05
CA GLY D 168 5.49 4.32 13.36
C GLY D 168 6.51 5.06 12.52
N ASP D 169 6.43 6.38 12.32
CA ASP D 169 7.41 7.09 11.52
C ASP D 169 8.23 7.93 12.48
N PHE D 170 9.41 7.41 12.83
CA PHE D 170 10.23 8.07 13.85
C PHE D 170 11.00 9.25 13.31
N TYR D 171 11.04 9.38 11.98
CA TYR D 171 11.69 10.56 11.40
C TYR D 171 10.75 11.74 11.53
N LEU D 172 9.48 11.51 11.14
CA LEU D 172 8.46 12.55 11.26
C LEU D 172 8.31 12.99 12.72
N LEU D 173 8.35 12.00 13.64
CA LEU D 173 8.23 12.29 15.06
C LEU D 173 9.32 13.23 15.54
N GLU D 174 10.56 13.00 15.13
CA GLU D 174 11.69 13.87 15.47
C GLU D 174 11.48 15.25 14.80
N ARG D 175 11.06 15.22 13.56
CA ARG D 175 10.85 16.48 12.82
C ARG D 175 9.78 17.36 13.49
N LEU D 176 8.70 16.78 13.95
CA LEU D 176 7.59 17.46 14.61
C LEU D 176 8.02 18.14 15.90
N LYS D 177 8.83 17.40 16.67
CA LYS D 177 9.36 17.95 17.93
C LYS D 177 10.36 19.05 17.64
N LYS D 178 11.10 18.94 16.55
CA LYS D 178 12.07 19.99 16.23
C LYS D 178 11.33 21.23 15.70
N ALA D 179 10.31 21.06 14.88
CA ALA D 179 9.63 22.23 14.32
C ALA D 179 8.73 22.89 15.36
N TYR D 180 8.01 22.18 16.24
CA TYR D 180 7.12 22.79 17.22
C TYR D 180 7.48 22.29 18.61
N PRO D 181 8.58 22.77 19.18
CA PRO D 181 9.13 22.28 20.42
C PRO D 181 8.26 22.54 21.64
N ASN D 182 7.34 23.48 21.58
CA ASN D 182 6.43 23.76 22.68
C ASN D 182 5.11 23.00 22.52
N HIS D 183 4.90 22.32 21.40
CA HIS D 183 3.66 21.54 21.26
C HIS D 183 3.93 20.13 21.81
N LEU D 184 2.94 19.46 22.36
CA LEU D 184 3.13 18.16 22.98
C LEU D 184 2.90 16.97 22.07
N ILE D 185 3.63 15.89 22.35
CA ILE D 185 3.42 14.65 21.58
C ILE D 185 3.18 13.51 22.57
N TRP D 186 2.08 12.77 22.36
CA TRP D 186 1.79 11.57 23.16
C TRP D 186 1.99 10.35 22.25
N ALA D 187 2.84 9.42 22.63
CA ALA D 187 3.08 8.23 21.78
C ALA D 187 1.88 7.31 21.91
N GLY D 188 1.44 6.77 20.77
CA GLY D 188 0.28 5.90 20.79
C GLY D 188 0.64 4.42 20.66
N PHE D 189 1.87 4.04 20.45
CA PHE D 189 2.30 2.64 20.30
C PHE D 189 3.09 2.16 21.52
N ASP D 190 2.49 1.44 22.42
CA ASP D 190 3.01 0.99 23.68
C ASP D 190 4.28 0.15 23.53
N GLU D 191 4.33 -0.68 22.49
CA GLU D 191 5.43 -1.51 22.13
C GLU D 191 6.60 -0.73 21.60
N MET D 192 6.51 0.58 21.37
CA MET D 192 7.62 1.38 20.91
C MET D 192 7.72 2.62 21.82
N MET D 193 7.44 2.45 23.10
CA MET D 193 7.52 3.57 24.04
C MET D 193 8.96 4.05 24.19
N LEU D 194 9.88 3.11 24.36
CA LEU D 194 11.30 3.46 24.51
C LEU D 194 11.86 4.34 23.42
N PRO D 195 11.85 3.99 22.15
CA PRO D 195 12.31 4.85 21.08
C PRO D 195 11.55 6.17 21.02
N ALA D 196 10.28 6.20 21.36
CA ALA D 196 9.52 7.44 21.34
C ALA D 196 9.98 8.34 22.47
N ALA D 197 10.12 7.79 23.67
CA ALA D 197 10.66 8.56 24.80
C ALA D 197 12.06 9.04 24.54
N SER D 198 12.85 8.36 23.72
CA SER D 198 14.22 8.79 23.42
C SER D 198 14.17 10.03 22.53
N LEU D 199 13.06 10.32 21.85
CA LEU D 199 12.95 11.53 21.02
C LEU D 199 12.15 12.62 21.72
N GLY D 200 11.92 12.49 23.02
CA GLY D 200 11.30 13.50 23.82
C GLY D 200 9.80 13.58 23.84
N VAL D 201 9.07 12.49 23.51
CA VAL D 201 7.61 12.63 23.58
C VAL D 201 7.29 13.02 25.02
N ASP D 202 6.17 13.69 25.26
CA ASP D 202 5.77 14.19 26.55
C ASP D 202 4.93 13.23 27.37
N GLY D 203 4.41 12.21 26.66
CA GLY D 203 3.53 11.25 27.36
C GLY D 203 3.18 10.11 26.41
N ALA D 204 2.27 9.25 26.87
CA ALA D 204 1.88 8.09 26.08
C ALA D 204 0.42 7.77 26.38
N ILE D 205 -0.30 7.40 25.33
CA ILE D 205 -1.70 7.03 25.49
C ILE D 205 -1.79 5.56 25.05
N GLY D 206 -2.20 4.61 25.92
CA GLY D 206 -2.14 3.24 25.37
C GLY D 206 -3.14 2.30 25.99
N SER D 207 -3.50 1.28 25.23
CA SER D 207 -4.46 0.30 25.73
C SER D 207 -3.84 -0.64 26.76
N THR D 208 -2.56 -0.99 26.59
CA THR D 208 -1.99 -2.02 27.49
C THR D 208 -1.64 -1.50 28.88
N PHE D 209 -1.74 -0.19 29.11
CA PHE D 209 -1.45 0.39 30.43
C PHE D 209 -2.57 0.06 31.40
N ASN D 210 -3.75 -0.34 30.92
CA ASN D 210 -4.83 -0.81 31.75
C ASN D 210 -4.37 -2.05 32.54
N VAL D 211 -3.38 -2.78 32.08
CA VAL D 211 -2.85 -3.93 32.85
C VAL D 211 -1.36 -3.83 33.11
N ASN D 212 -0.64 -3.08 32.30
CA ASN D 212 0.80 -2.98 32.41
C ASN D 212 1.30 -1.59 32.77
N GLY D 213 0.50 -0.81 33.50
CA GLY D 213 0.87 0.55 33.88
C GLY D 213 2.16 0.71 34.68
N VAL D 214 2.53 -0.25 35.51
CA VAL D 214 3.75 -0.10 36.34
C VAL D 214 5.00 -0.13 35.47
N ARG D 215 5.13 -1.14 34.65
CA ARG D 215 6.21 -1.23 33.69
C ARG D 215 6.19 -0.06 32.68
N ALA D 216 5.02 0.34 32.18
CA ALA D 216 4.97 1.45 31.22
C ALA D 216 5.59 2.71 31.80
N ARG D 217 5.26 3.04 33.05
CA ARG D 217 5.88 4.16 33.76
C ARG D 217 7.39 3.99 33.94
N GLN D 218 7.84 2.79 34.25
CA GLN D 218 9.27 2.50 34.40
C GLN D 218 10.07 2.77 33.12
N ILE D 219 9.60 2.28 31.98
CA ILE D 219 10.21 2.49 30.70
C ILE D 219 10.31 4.01 30.45
N PHE D 220 9.17 4.70 30.61
CA PHE D 220 9.10 6.12 30.36
C PHE D 220 10.09 6.91 31.19
N GLU D 221 10.04 6.66 32.51
CA GLU D 221 10.88 7.39 33.45
C GLU D 221 12.31 6.92 33.33
N LEU D 222 12.57 5.63 33.07
CA LEU D 222 13.90 5.18 32.97
C LEU D 222 14.49 5.79 31.70
N THR D 223 13.75 5.89 30.60
CA THR D 223 14.32 6.44 29.36
C THR D 223 14.64 7.92 29.48
N LYS D 224 13.76 8.70 30.13
CA LYS D 224 14.07 10.12 30.31
C LYS D 224 15.31 10.37 31.17
N ALA D 225 15.68 9.43 32.03
CA ALA D 225 16.82 9.51 32.93
C ALA D 225 18.09 9.04 32.26
N GLY D 226 18.02 8.59 31.00
CA GLY D 226 19.16 8.10 30.26
C GLY D 226 19.59 6.69 30.65
N LYS D 227 18.74 5.98 31.38
CA LYS D 227 18.97 4.61 31.79
C LYS D 227 18.36 3.64 30.76
N LEU D 228 18.93 3.70 29.57
CA LEU D 228 18.53 2.96 28.40
C LEU D 228 18.65 1.45 28.52
N LYS D 229 19.70 0.95 29.16
CA LYS D 229 19.88 -0.51 29.26
C LYS D 229 18.74 -1.07 30.08
N GLU D 230 18.51 -0.42 31.21
CA GLU D 230 17.43 -0.84 32.11
C GLU D 230 16.07 -0.60 31.48
N ALA D 231 15.89 0.48 30.71
CA ALA D 231 14.55 0.73 30.12
C ALA D 231 14.29 -0.37 29.10
N LEU D 232 15.34 -0.73 28.34
CA LEU D 232 15.23 -1.72 27.28
C LEU D 232 14.77 -3.09 27.77
N GLU D 233 15.35 -3.52 28.90
CA GLU D 233 14.98 -4.79 29.52
C GLU D 233 13.50 -4.79 29.89
N ILE D 234 12.97 -3.67 30.39
CA ILE D 234 11.55 -3.60 30.74
C ILE D 234 10.71 -3.52 29.45
N GLN D 235 11.18 -2.75 28.46
CA GLN D 235 10.49 -2.78 27.16
C GLN D 235 10.48 -4.20 26.61
N HIS D 236 11.56 -5.00 26.73
CA HIS D 236 11.59 -6.37 26.26
C HIS D 236 10.52 -7.25 26.92
N VAL D 237 10.29 -7.19 28.23
CA VAL D 237 9.28 -8.06 28.86
C VAL D 237 7.88 -7.54 28.54
N THR D 238 7.78 -6.21 28.53
CA THR D 238 6.50 -5.59 28.08
C THR D 238 6.13 -6.10 26.70
N ASN D 239 7.09 -6.11 25.78
CA ASN D 239 6.79 -6.50 24.40
C ASN D 239 6.51 -7.99 24.26
N ASP D 240 7.06 -8.80 25.17
CA ASP D 240 6.65 -10.24 25.10
C ASP D 240 5.19 -10.29 25.52
N LEU D 241 4.85 -9.50 26.56
CA LEU D 241 3.42 -9.49 26.97
C LEU D 241 2.55 -8.97 25.83
N ILE D 242 2.99 -7.84 25.26
CA ILE D 242 2.22 -7.21 24.16
C ILE D 242 2.09 -8.14 22.96
N GLU D 243 3.15 -8.85 22.59
CA GLU D 243 3.08 -9.82 21.50
C GLU D 243 2.02 -10.90 21.72
N GLY D 244 1.92 -11.37 22.97
CA GLY D 244 0.97 -12.40 23.35
C GLY D 244 -0.45 -11.84 23.36
N ILE D 245 -0.63 -10.59 23.82
CA ILE D 245 -1.95 -9.96 23.84
C ILE D 245 -2.45 -9.86 22.41
N LEU D 246 -1.66 -9.31 21.49
CA LEU D 246 -2.01 -9.14 20.09
C LEU D 246 -2.37 -10.45 19.39
N ALA D 247 -1.58 -11.48 19.55
CA ALA D 247 -1.83 -12.81 19.00
C ALA D 247 -3.12 -13.38 19.53
N ASN D 248 -3.42 -13.19 20.82
CA ASN D 248 -4.62 -13.74 21.42
C ASN D 248 -5.89 -12.94 21.20
N GLY D 249 -5.82 -11.70 20.72
CA GLY D 249 -7.01 -10.85 20.55
C GLY D 249 -6.88 -9.69 21.56
N LEU D 250 -6.45 -8.52 21.08
CA LEU D 250 -6.14 -7.41 21.95
C LEU D 250 -7.20 -7.06 22.97
N TYR D 251 -8.40 -6.61 22.54
CA TYR D 251 -9.41 -6.19 23.52
C TYR D 251 -9.87 -7.25 24.49
N LEU D 252 -10.18 -8.43 24.01
CA LEU D 252 -10.59 -9.53 24.85
C LEU D 252 -9.46 -9.96 25.80
N THR D 253 -8.22 -10.00 25.33
CA THR D 253 -7.14 -10.44 26.25
C THR D 253 -6.95 -9.44 27.40
N ILE D 254 -6.92 -8.16 27.09
CA ILE D 254 -6.79 -7.17 28.17
C ILE D 254 -8.00 -7.31 29.09
N LYS D 255 -9.23 -7.56 28.60
CA LYS D 255 -10.37 -7.70 29.49
C LYS D 255 -10.24 -8.99 30.33
N GLU D 256 -9.81 -10.08 29.70
CA GLU D 256 -9.58 -11.33 30.43
C GLU D 256 -8.49 -11.12 31.48
N LEU D 257 -7.44 -10.36 31.18
CA LEU D 257 -6.39 -10.06 32.16
C LEU D 257 -6.94 -9.29 33.35
N LEU D 258 -7.82 -8.32 33.12
CA LEU D 258 -8.43 -7.55 34.19
C LEU D 258 -9.30 -8.46 35.06
N LYS D 259 -10.00 -9.42 34.43
CA LYS D 259 -10.89 -10.31 35.18
C LYS D 259 -10.11 -11.14 36.19
N LEU D 260 -8.90 -11.53 35.83
CA LEU D 260 -8.05 -12.26 36.79
C LEU D 260 -7.53 -11.35 37.89
N GLU D 261 -7.73 -10.04 37.84
CA GLU D 261 -7.31 -9.10 38.85
C GLU D 261 -8.55 -8.72 39.66
N GLY D 262 -9.66 -9.39 39.41
CA GLY D 262 -10.90 -9.17 40.09
C GLY D 262 -11.70 -8.00 39.52
N VAL D 263 -11.44 -7.54 38.32
CA VAL D 263 -12.18 -6.42 37.71
C VAL D 263 -13.24 -7.00 36.76
N ASP D 264 -14.51 -6.66 36.92
CA ASP D 264 -15.52 -7.20 36.00
C ASP D 264 -15.43 -6.48 34.64
N ALA D 265 -14.47 -6.79 33.79
CA ALA D 265 -14.24 -6.07 32.54
C ALA D 265 -15.22 -6.49 31.44
N GLY D 266 -16.00 -7.52 31.70
CA GLY D 266 -17.11 -7.99 30.91
C GLY D 266 -16.77 -8.41 29.49
N TYR D 267 -17.73 -8.20 28.59
CA TYR D 267 -17.53 -8.65 27.22
C TYR D 267 -17.09 -7.55 26.26
N CYS D 268 -16.77 -7.90 25.04
CA CYS D 268 -16.56 -6.86 24.02
C CYS D 268 -17.91 -6.57 23.35
N ARG D 269 -17.93 -5.46 22.63
CA ARG D 269 -19.17 -5.04 21.94
C ARG D 269 -19.19 -5.52 20.50
N GLU D 270 -20.27 -6.24 20.11
CA GLU D 270 -20.40 -6.65 18.73
C GLU D 270 -20.56 -5.56 17.69
N PRO D 271 -19.71 -5.64 16.70
CA PRO D 271 -19.34 -6.55 15.69
C PRO D 271 -18.01 -7.20 16.14
N MET D 272 -17.42 -6.63 17.23
CA MET D 272 -16.20 -7.37 17.67
C MET D 272 -16.67 -8.69 18.31
N THR D 273 -15.87 -9.74 18.28
CA THR D 273 -16.31 -10.97 18.97
C THR D 273 -16.53 -10.64 20.44
N SER D 274 -17.75 -10.83 20.97
CA SER D 274 -17.92 -10.42 22.36
C SER D 274 -17.36 -11.36 23.41
N LYS D 275 -17.38 -12.68 23.17
CA LYS D 275 -16.94 -13.60 24.22
C LYS D 275 -15.62 -14.27 23.88
N ALA D 276 -14.77 -14.39 24.88
CA ALA D 276 -13.47 -15.04 24.62
C ALA D 276 -13.71 -16.53 24.52
N THR D 277 -12.96 -17.25 23.72
CA THR D 277 -13.11 -18.70 23.66
C THR D 277 -12.35 -19.33 24.84
N ALA D 278 -12.46 -20.64 25.04
CA ALA D 278 -11.73 -21.34 26.08
C ALA D 278 -10.22 -21.16 25.92
N GLU D 279 -9.74 -21.22 24.69
CA GLU D 279 -8.35 -21.06 24.34
C GLU D 279 -7.86 -19.65 24.66
N GLN D 280 -8.69 -18.63 24.37
CA GLN D 280 -8.29 -17.26 24.65
C GLN D 280 -8.24 -17.10 26.17
N VAL D 281 -9.19 -17.75 26.86
CA VAL D 281 -9.13 -17.63 28.33
C VAL D 281 -7.85 -18.29 28.83
N ALA D 282 -7.51 -19.48 28.33
CA ALA D 282 -6.32 -20.19 28.78
C ALA D 282 -5.07 -19.36 28.54
N LYS D 283 -4.95 -18.75 27.36
CA LYS D 283 -3.77 -17.94 27.01
C LYS D 283 -3.66 -16.70 27.89
N ALA D 284 -4.77 -16.11 28.33
CA ALA D 284 -4.70 -14.95 29.19
C ALA D 284 -4.17 -15.33 30.57
N LYS D 285 -4.60 -16.50 31.04
CA LYS D 285 -4.17 -17.02 32.34
C LYS D 285 -2.67 -17.27 32.28
N ASP D 286 -2.19 -17.87 31.20
CA ASP D 286 -0.77 -18.08 31.00
C ASP D 286 -0.02 -16.76 30.91
N LEU D 287 -0.55 -15.75 30.18
CA LEU D 287 0.14 -14.46 30.13
C LEU D 287 0.18 -13.81 31.51
N LYS D 288 -0.91 -13.97 32.24
CA LYS D 288 -1.00 -13.46 33.59
C LYS D 288 0.13 -14.06 34.45
N ALA D 289 0.24 -15.39 34.41
CA ALA D 289 1.28 -16.06 35.17
C ALA D 289 2.68 -15.64 34.73
N LYS D 290 2.98 -15.55 33.43
CA LYS D 290 4.29 -15.16 32.97
C LYS D 290 4.70 -13.75 33.28
N PHE D 291 3.83 -12.75 33.10
CA PHE D 291 4.19 -11.34 33.16
C PHE D 291 3.54 -10.42 34.15
N LEU D 292 2.43 -10.80 34.76
CA LEU D 292 1.68 -9.90 35.60
C LEU D 292 1.30 -10.41 36.99
N SER D 293 2.19 -11.31 37.45
CA SER D 293 1.91 -11.88 38.76
C SER D 293 2.93 -11.52 39.81
#